data_5HF5
#
_entry.id   5HF5
#
_cell.length_a   104.917
_cell.length_b   104.917
_cell.length_c   322.798
_cell.angle_alpha   90.000
_cell.angle_beta   90.000
_cell.angle_gamma   120.000
#
_symmetry.space_group_name_H-M   'P 31 2 1'
#
loop_
_entity.id
_entity.type
_entity.pdbx_description
1 polymer Acetylcholinesterase
2 branched 2-acetamido-2-deoxy-beta-D-glucopyranose-(1-4)-[alpha-L-fucopyranose-(1-6)]2-acetamido-2-deoxy-beta-D-glucopyranose
3 non-polymer 'DIETHYL PHOSPHONATE'
4 non-polymer 1,2-ETHANEDIOL
5 non-polymer 2-acetamido-2-deoxy-beta-D-glucopyranose
6 non-polymer 3,6,9,12,15,18,21-HEPTAOXATRICOSANE-1,23-DIOL
7 non-polymer 'NITRATE ION'
8 water water
#
_entity_poly.entity_id   1
_entity_poly.type   'polypeptide(L)'
_entity_poly.pdbx_seq_one_letter_code
;GREDAELLVTVRGGRLRGIRLKTPGGPVSAFLGIPFAEPPMGPRRFLPPEPKQPWSGVVDATTFQSVCYQYVDTLYPGFE
GTEMWNPNRELSEDCLYLNVWTPYPRPTSPTPVLVWIYGGGFYSGASSLDVYDGRFLVQAERTVLVSMNYRVGAFGFLAL
PGSREAPGNVGLLDQRLALQWVQENVAAFGGDPTSVTLFGESAGAASVGMHLLSPPSRGLFHRAVLQSGAPNGPWATVGM
GEARRRATQLAHLVGCPPGGTGGNDTELVACLRTRPAQVLVNHEWHVLPQESVFRFSFVPVVDGDFLSDTPEALINAGDF
HGLQVLVGVVKDEGSYFLVYGAPGFSKDNESLISRAEFLAGVRVGVPQVSDLAAEAVVLHYTDWLHPEDPARLREALSDV
VGDHNVVCPVAQLAGRLAAQGARVYAYVFEHRASTLSWPLWMGVPHGYEIEFIFGIPLDPSRNYTAEEKIFAQRLMRYWA
NFARTGDPNEPRDPKAPQWPPYTAGAQQYVSLDLRPLEVRRGLRAQACAFWNRFLPKLLSAT
;
_entity_poly.pdbx_strand_id   A,B
#
loop_
_chem_comp.id
_chem_comp.type
_chem_comp.name
_chem_comp.formula
DEP non-polymer 'DIETHYL PHOSPHONATE' 'C4 H11 O3 P'
EDO non-polymer 1,2-ETHANEDIOL 'C2 H6 O2'
FUC L-saccharide, alpha linking alpha-L-fucopyranose 'C6 H12 O5'
NAG D-saccharide, beta linking 2-acetamido-2-deoxy-beta-D-glucopyranose 'C8 H15 N O6'
NO3 non-polymer 'NITRATE ION' 'N O3 -1'
PE8 non-polymer 3,6,9,12,15,18,21-HEPTAOXATRICOSANE-1,23-DIOL 'C16 H34 O9'
#
# COMPACT_ATOMS: atom_id res chain seq x y z
N GLU A 3 -40.80 29.67 -47.06
CA GLU A 3 -40.16 28.40 -46.69
C GLU A 3 -38.65 28.56 -46.46
N ASP A 4 -38.13 27.88 -45.44
CA ASP A 4 -36.73 28.07 -45.06
C ASP A 4 -35.81 26.96 -45.59
N ALA A 5 -35.06 27.26 -46.65
CA ALA A 5 -34.18 26.31 -47.32
C ALA A 5 -33.06 25.82 -46.41
N GLU A 6 -32.66 26.62 -45.43
CA GLU A 6 -31.59 26.21 -44.53
C GLU A 6 -31.96 24.94 -43.76
N LEU A 7 -33.26 24.72 -43.60
CA LEU A 7 -33.78 23.61 -42.83
C LEU A 7 -34.14 22.42 -43.72
N LEU A 8 -33.77 22.47 -44.99
CA LEU A 8 -34.10 21.35 -45.88
C LEU A 8 -32.78 20.74 -46.29
N VAL A 9 -32.66 19.43 -46.10
CA VAL A 9 -31.42 18.74 -46.41
C VAL A 9 -31.78 17.41 -47.06
N THR A 10 -30.96 17.00 -48.01
CA THR A 10 -31.12 15.68 -48.61
C THR A 10 -29.94 14.83 -48.23
N VAL A 11 -30.20 13.67 -47.64
CA VAL A 11 -29.12 12.74 -47.33
C VAL A 11 -29.32 11.54 -48.25
N ARG A 12 -28.44 10.55 -48.20
CA ARG A 12 -28.55 9.46 -49.16
C ARG A 12 -29.91 8.75 -49.11
N GLY A 13 -30.49 8.62 -47.93
CA GLY A 13 -31.75 7.93 -47.80
C GLY A 13 -32.95 8.78 -48.24
N GLY A 14 -32.75 10.07 -48.42
CA GLY A 14 -33.87 10.93 -48.73
C GLY A 14 -33.81 12.30 -48.09
N ARG A 15 -34.98 12.94 -48.03
CA ARG A 15 -35.12 14.33 -47.65
C ARG A 15 -35.55 14.50 -46.20
N LEU A 16 -35.04 15.55 -45.58
CA LEU A 16 -35.25 15.87 -44.16
C LEU A 16 -35.68 17.31 -43.94
N ARG A 17 -36.53 17.53 -42.94
N ARG A 17 -36.54 17.56 -42.96
CA ARG A 17 -36.91 18.88 -42.54
CA ARG A 17 -36.87 18.93 -42.58
C ARG A 17 -36.42 19.14 -41.12
C ARG A 17 -36.45 19.17 -41.13
N GLY A 18 -35.56 20.14 -40.96
CA GLY A 18 -35.05 20.50 -39.65
C GLY A 18 -35.83 21.62 -38.96
N ILE A 19 -35.25 22.15 -37.89
CA ILE A 19 -35.86 23.21 -37.13
C ILE A 19 -34.77 24.21 -36.73
N ARG A 20 -35.12 25.49 -36.72
CA ARG A 20 -34.23 26.54 -36.27
C ARG A 20 -34.36 26.68 -34.76
N LEU A 21 -33.26 26.70 -34.03
CA LEU A 21 -33.31 26.85 -32.58
C LEU A 21 -32.71 28.16 -32.19
N LYS A 22 -33.16 28.72 -31.07
CA LYS A 22 -32.56 29.94 -30.50
C LYS A 22 -31.50 29.64 -29.44
N THR A 23 -30.47 30.48 -29.40
CA THR A 23 -29.55 30.49 -28.29
C THR A 23 -29.35 31.96 -28.00
N PRO A 24 -28.85 32.30 -26.80
CA PRO A 24 -28.46 33.67 -26.48
C PRO A 24 -27.45 34.25 -27.45
N GLY A 25 -26.70 33.39 -28.14
CA GLY A 25 -25.71 33.88 -29.10
C GLY A 25 -26.21 33.91 -30.53
N GLY A 26 -27.48 33.57 -30.76
CA GLY A 26 -28.00 33.49 -32.12
C GLY A 26 -28.53 32.13 -32.54
N PRO A 27 -29.12 32.06 -33.73
CA PRO A 27 -29.75 30.80 -34.13
C PRO A 27 -28.79 29.66 -34.48
N VAL A 28 -29.35 28.45 -34.51
CA VAL A 28 -28.64 27.25 -34.83
C VAL A 28 -29.63 26.38 -35.63
N SER A 29 -29.14 25.52 -36.53
CA SER A 29 -30.04 24.59 -37.23
C SER A 29 -29.93 23.22 -36.57
N ALA A 30 -31.05 22.52 -36.45
CA ALA A 30 -31.04 21.23 -35.80
C ALA A 30 -31.86 20.26 -36.61
N PHE A 31 -31.35 19.04 -36.75
CA PHE A 31 -32.08 17.97 -37.42
C PHE A 31 -32.11 16.83 -36.43
N LEU A 32 -33.25 16.65 -35.80
CA LEU A 32 -33.39 15.75 -34.66
C LEU A 32 -34.22 14.58 -35.06
N GLY A 33 -33.84 13.37 -34.65
CA GLY A 33 -34.65 12.22 -34.97
C GLY A 33 -34.48 11.72 -36.40
N ILE A 34 -33.25 11.78 -36.92
CA ILE A 34 -32.94 11.21 -38.23
C ILE A 34 -32.74 9.70 -38.13
N PRO A 35 -33.56 8.94 -38.84
CA PRO A 35 -33.37 7.48 -38.78
C PRO A 35 -32.06 7.02 -39.45
N PHE A 36 -31.22 6.24 -38.77
CA PHE A 36 -29.99 5.78 -39.40
C PHE A 36 -29.95 4.26 -39.53
N ALA A 37 -30.91 3.57 -38.92
CA ALA A 37 -31.01 2.12 -39.06
C ALA A 37 -32.46 1.76 -39.29
N GLU A 38 -32.70 0.58 -39.87
CA GLU A 38 -34.02 -0.05 -39.76
C GLU A 38 -34.37 -0.32 -38.30
N PRO A 39 -35.64 -0.10 -37.92
CA PRO A 39 -36.03 -0.34 -36.52
C PRO A 39 -35.68 -1.75 -36.08
N PRO A 40 -34.88 -1.90 -35.01
CA PRO A 40 -34.40 -3.22 -34.62
C PRO A 40 -35.44 -4.00 -33.81
N MET A 41 -36.57 -4.32 -34.43
CA MET A 41 -37.72 -4.88 -33.72
C MET A 41 -38.11 -6.25 -34.25
N GLY A 42 -38.89 -6.97 -33.44
CA GLY A 42 -39.30 -8.32 -33.79
C GLY A 42 -38.12 -9.25 -33.99
N PRO A 43 -38.03 -9.81 -35.20
CA PRO A 43 -36.94 -10.71 -35.58
C PRO A 43 -35.57 -10.01 -35.55
N ARG A 44 -35.54 -8.67 -35.64
CA ARG A 44 -34.28 -7.92 -35.57
C ARG A 44 -33.79 -7.57 -34.14
N ARG A 45 -34.53 -7.95 -33.11
CA ARG A 45 -34.05 -7.77 -31.75
C ARG A 45 -32.78 -8.62 -31.55
N PHE A 46 -31.77 -8.04 -30.92
CA PHE A 46 -30.47 -8.66 -30.65
C PHE A 46 -29.55 -8.75 -31.89
N LEU A 47 -30.06 -8.37 -33.05
CA LEU A 47 -29.29 -8.46 -34.28
C LEU A 47 -28.56 -7.15 -34.59
N PRO A 48 -27.44 -7.25 -35.31
CA PRO A 48 -26.73 -6.07 -35.83
C PRO A 48 -27.69 -5.12 -36.50
N PRO A 49 -27.43 -3.83 -36.43
CA PRO A 49 -28.30 -2.86 -37.10
C PRO A 49 -28.20 -2.97 -38.62
N GLU A 50 -29.32 -2.78 -39.32
CA GLU A 50 -29.28 -2.68 -40.77
C GLU A 50 -29.45 -1.23 -41.17
N PRO A 51 -28.68 -0.79 -42.17
CA PRO A 51 -28.82 0.58 -42.67
C PRO A 51 -30.28 0.91 -43.00
N LYS A 52 -30.68 2.14 -42.69
CA LYS A 52 -32.03 2.58 -42.96
C LYS A 52 -32.27 2.58 -44.47
N GLN A 53 -33.35 1.95 -44.90
N GLN A 53 -33.34 1.93 -44.91
CA GLN A 53 -33.71 1.94 -46.31
CA GLN A 53 -33.68 1.95 -46.33
C GLN A 53 -34.26 3.32 -46.72
C GLN A 53 -34.22 3.33 -46.71
N PRO A 54 -33.96 3.75 -47.96
CA PRO A 54 -34.43 5.05 -48.48
C PRO A 54 -35.92 5.27 -48.34
N TRP A 55 -36.31 6.51 -48.10
CA TRP A 55 -37.73 6.86 -47.98
C TRP A 55 -38.13 7.89 -49.02
N SER A 56 -39.42 7.95 -49.31
CA SER A 56 -39.91 8.97 -50.20
C SER A 56 -40.53 10.04 -49.32
N GLY A 57 -40.65 11.25 -49.85
CA GLY A 57 -41.23 12.32 -49.06
C GLY A 57 -40.22 12.88 -48.08
N VAL A 58 -40.71 13.65 -47.12
CA VAL A 58 -39.82 14.38 -46.22
C VAL A 58 -39.96 13.88 -44.79
N VAL A 59 -38.86 13.35 -44.24
CA VAL A 59 -38.85 12.95 -42.85
C VAL A 59 -38.87 14.20 -41.97
N ASP A 60 -39.78 14.20 -41.01
CA ASP A 60 -39.86 15.28 -40.04
C ASP A 60 -38.71 15.15 -39.05
N ALA A 61 -37.73 16.06 -39.08
CA ALA A 61 -36.63 15.96 -38.10
C ALA A 61 -36.58 17.20 -37.20
N THR A 62 -37.70 17.47 -36.54
CA THR A 62 -37.87 18.70 -35.78
C THR A 62 -37.96 18.41 -34.29
N THR A 63 -37.98 17.12 -33.95
CA THR A 63 -38.06 16.74 -32.55
C THR A 63 -37.28 15.44 -32.25
N PHE A 64 -36.82 15.30 -31.01
CA PHE A 64 -36.09 14.12 -30.59
C PHE A 64 -36.98 12.92 -30.76
N GLN A 65 -36.39 11.79 -31.09
CA GLN A 65 -37.14 10.54 -31.22
C GLN A 65 -37.08 9.75 -29.93
N SER A 66 -37.71 8.57 -29.95
CA SER A 66 -37.80 7.71 -28.77
C SER A 66 -36.49 7.30 -28.12
N VAL A 67 -36.54 7.05 -26.81
CA VAL A 67 -35.42 6.52 -26.04
C VAL A 67 -35.41 4.99 -26.11
N CYS A 68 -34.23 4.42 -26.30
CA CYS A 68 -34.11 2.96 -26.32
C CYS A 68 -34.53 2.42 -24.97
N TYR A 69 -35.22 1.28 -24.96
CA TYR A 69 -35.68 0.66 -23.72
C TYR A 69 -34.60 0.52 -22.66
N GLN A 70 -34.93 0.91 -21.44
CA GLN A 70 -33.98 0.89 -20.33
C GLN A 70 -34.72 1.05 -19.02
N TYR A 71 -34.07 0.66 -17.94
CA TYR A 71 -34.57 0.82 -16.59
C TYR A 71 -34.69 2.31 -16.28
N VAL A 72 -35.72 2.69 -15.53
CA VAL A 72 -35.88 4.08 -15.10
C VAL A 72 -35.52 4.18 -13.60
N ASP A 73 -34.55 5.02 -13.28
CA ASP A 73 -34.03 5.15 -11.91
C ASP A 73 -35.09 5.79 -11.01
N THR A 74 -35.49 5.07 -9.96
CA THR A 74 -36.47 5.61 -9.02
C THR A 74 -35.94 5.76 -7.58
N LEU A 75 -34.63 5.85 -7.41
CA LEU A 75 -34.05 5.99 -6.08
C LEU A 75 -34.58 7.23 -5.35
N TYR A 76 -34.63 8.35 -6.06
CA TYR A 76 -35.12 9.60 -5.47
C TYR A 76 -36.12 10.26 -6.42
N PRO A 77 -37.37 9.77 -6.41
CA PRO A 77 -38.35 10.22 -7.40
C PRO A 77 -38.55 11.74 -7.38
N GLY A 78 -38.47 12.38 -8.54
CA GLY A 78 -38.63 13.83 -8.65
C GLY A 78 -37.40 14.67 -8.33
N PHE A 79 -36.36 14.05 -7.81
CA PHE A 79 -35.12 14.77 -7.53
C PHE A 79 -34.35 15.05 -8.82
N GLU A 80 -33.91 16.28 -9.00
CA GLU A 80 -33.25 16.70 -10.23
C GLU A 80 -31.98 15.89 -10.54
N GLY A 81 -31.23 15.56 -9.50
CA GLY A 81 -29.95 14.90 -9.67
C GLY A 81 -30.07 13.53 -10.27
N THR A 82 -31.19 12.85 -10.06
CA THR A 82 -31.39 11.56 -10.71
C THR A 82 -32.29 11.70 -11.99
N GLU A 83 -33.29 12.58 -11.95
CA GLU A 83 -34.23 12.69 -13.06
C GLU A 83 -33.59 13.24 -14.34
N MET A 84 -32.55 14.07 -14.18
CA MET A 84 -31.86 14.62 -15.32
C MET A 84 -31.21 13.53 -16.19
N TRP A 85 -31.09 12.30 -15.66
CA TRP A 85 -30.50 11.21 -16.45
C TRP A 85 -31.57 10.27 -16.99
N ASN A 86 -32.80 10.42 -16.54
CA ASN A 86 -33.84 9.47 -16.93
C ASN A 86 -34.38 9.79 -18.32
N PRO A 87 -35.01 8.79 -18.97
CA PRO A 87 -35.65 9.00 -20.28
C PRO A 87 -36.55 10.21 -20.27
N ASN A 88 -36.42 11.08 -21.28
CA ASN A 88 -37.29 12.24 -21.35
C ASN A 88 -38.13 12.20 -22.63
N ARG A 89 -38.25 11.01 -23.22
CA ARG A 89 -39.17 10.73 -24.33
C ARG A 89 -39.66 9.34 -24.03
N GLU A 90 -40.71 8.92 -24.71
CA GLU A 90 -41.21 7.58 -24.52
C GLU A 90 -40.18 6.54 -24.95
N LEU A 91 -40.24 5.38 -24.30
CA LEU A 91 -39.40 4.25 -24.61
C LEU A 91 -39.88 3.52 -25.83
N SER A 92 -38.94 3.08 -26.65
CA SER A 92 -39.28 2.20 -27.76
C SER A 92 -38.05 1.43 -28.24
N GLU A 93 -38.25 0.25 -28.82
CA GLU A 93 -37.18 -0.44 -29.49
C GLU A 93 -36.90 0.22 -30.85
N ASP A 94 -37.87 0.95 -31.36
CA ASP A 94 -37.67 1.76 -32.55
C ASP A 94 -36.99 3.05 -32.08
N CYS A 95 -35.67 3.01 -31.87
CA CYS A 95 -34.98 4.13 -31.20
C CYS A 95 -33.68 4.53 -31.88
N LEU A 96 -33.39 3.92 -33.01
CA LEU A 96 -32.11 4.14 -33.63
C LEU A 96 -32.21 5.39 -34.51
N TYR A 97 -32.06 6.54 -33.87
CA TYR A 97 -32.09 7.83 -34.55
C TYR A 97 -30.87 8.62 -34.13
N LEU A 98 -30.48 9.61 -34.93
CA LEU A 98 -29.38 10.47 -34.53
C LEU A 98 -29.78 11.90 -34.80
N ASN A 99 -28.96 12.82 -34.29
CA ASN A 99 -29.29 14.23 -34.34
C ASN A 99 -28.10 15.00 -34.85
N VAL A 100 -28.37 16.06 -35.60
CA VAL A 100 -27.31 16.94 -36.09
C VAL A 100 -27.63 18.38 -35.76
N TRP A 101 -26.69 19.06 -35.11
CA TRP A 101 -26.79 20.51 -34.97
C TRP A 101 -25.73 21.13 -35.85
N THR A 102 -26.04 22.26 -36.46
CA THR A 102 -25.11 22.92 -37.33
C THR A 102 -25.35 24.42 -37.19
N PRO A 103 -24.34 25.26 -37.47
CA PRO A 103 -24.57 26.72 -37.45
C PRO A 103 -25.70 27.17 -38.40
N TYR A 104 -26.23 28.36 -38.17
CA TYR A 104 -27.25 28.94 -39.04
C TYR A 104 -26.75 30.30 -39.56
N PRO A 105 -26.75 30.47 -40.90
CA PRO A 105 -27.10 29.46 -41.90
C PRO A 105 -26.02 28.37 -41.98
N ARG A 106 -26.35 27.22 -42.59
CA ARG A 106 -25.45 26.08 -42.64
C ARG A 106 -24.13 26.50 -43.22
N PRO A 107 -23.03 25.97 -42.67
CA PRO A 107 -21.71 26.27 -43.20
C PRO A 107 -21.65 25.91 -44.68
N THR A 108 -20.87 26.66 -45.45
CA THR A 108 -20.73 26.37 -46.87
C THR A 108 -19.30 25.90 -47.14
N SER A 109 -18.50 25.83 -46.09
CA SER A 109 -17.20 25.14 -46.16
C SER A 109 -17.08 24.11 -45.02
N PRO A 110 -16.35 23.01 -45.25
CA PRO A 110 -16.19 21.91 -44.28
C PRO A 110 -15.91 22.38 -42.84
N THR A 111 -16.82 22.04 -41.94
CA THR A 111 -16.72 22.37 -40.53
C THR A 111 -16.37 21.10 -39.71
N PRO A 112 -15.44 21.20 -38.74
CA PRO A 112 -15.12 20.05 -37.87
C PRO A 112 -16.34 19.45 -37.18
N VAL A 113 -16.36 18.13 -37.07
CA VAL A 113 -17.50 17.44 -36.49
C VAL A 113 -17.15 16.84 -35.12
N LEU A 114 -18.02 17.11 -34.14
CA LEU A 114 -17.97 16.46 -32.82
C LEU A 114 -19.08 15.42 -32.78
N VAL A 115 -18.77 14.20 -32.39
CA VAL A 115 -19.79 13.16 -32.26
C VAL A 115 -19.87 12.68 -30.82
N TRP A 116 -21.03 12.88 -30.21
CA TRP A 116 -21.24 12.59 -28.79
C TRP A 116 -21.79 11.19 -28.59
N ILE A 117 -21.17 10.40 -27.72
CA ILE A 117 -21.73 9.10 -27.34
C ILE A 117 -22.08 9.13 -25.85
N TYR A 118 -23.35 9.02 -25.49
CA TYR A 118 -23.72 9.18 -24.07
C TYR A 118 -23.28 7.99 -23.23
N GLY A 119 -23.11 8.21 -21.92
CA GLY A 119 -22.90 7.12 -20.98
C GLY A 119 -24.20 6.66 -20.30
N GLY A 120 -24.08 5.90 -19.22
CA GLY A 120 -25.22 5.27 -18.60
C GLY A 120 -25.01 3.77 -18.36
N GLY A 121 -23.75 3.35 -18.23
CA GLY A 121 -23.40 1.99 -17.81
C GLY A 121 -23.71 0.91 -18.83
N PHE A 122 -23.98 1.32 -20.08
CA PHE A 122 -24.50 0.44 -21.12
C PHE A 122 -25.91 -0.11 -20.80
N TYR A 123 -26.57 0.41 -19.75
CA TYR A 123 -27.95 0.01 -19.44
C TYR A 123 -28.92 1.18 -19.55
N SER A 124 -28.41 2.39 -19.79
CA SER A 124 -29.27 3.56 -19.88
C SER A 124 -28.66 4.67 -20.72
N GLY A 125 -29.42 5.73 -20.93
CA GLY A 125 -28.94 6.92 -21.58
C GLY A 125 -29.79 7.26 -22.79
N ALA A 126 -29.58 8.46 -23.31
CA ALA A 126 -30.32 8.94 -24.47
C ALA A 126 -29.68 10.19 -25.00
N SER A 127 -29.78 10.40 -26.30
CA SER A 127 -29.13 11.57 -26.87
C SER A 127 -30.02 12.80 -26.70
N SER A 128 -31.23 12.58 -26.19
CA SER A 128 -32.22 13.66 -26.08
C SER A 128 -32.20 14.36 -24.71
N LEU A 129 -31.38 13.91 -23.76
CA LEU A 129 -31.32 14.55 -22.43
C LEU A 129 -30.93 16.01 -22.58
N ASP A 130 -31.53 16.88 -21.76
CA ASP A 130 -31.27 18.32 -21.85
C ASP A 130 -29.81 18.62 -21.74
N VAL A 131 -29.10 17.82 -20.94
CA VAL A 131 -27.73 18.17 -20.64
C VAL A 131 -26.79 17.86 -21.84
N TYR A 132 -27.32 17.20 -22.89
CA TYR A 132 -26.53 16.91 -24.10
C TYR A 132 -26.98 17.76 -25.29
N ASP A 133 -27.72 18.82 -25.01
CA ASP A 133 -28.21 19.77 -26.03
C ASP A 133 -27.07 20.44 -26.80
N GLY A 134 -26.91 20.11 -28.08
CA GLY A 134 -25.78 20.59 -28.85
C GLY A 134 -25.78 22.05 -29.31
N ARG A 135 -26.86 22.80 -29.03
CA ARG A 135 -27.01 24.12 -29.62
C ARG A 135 -25.97 25.15 -29.16
N PHE A 136 -25.50 25.08 -27.91
CA PHE A 136 -24.55 26.11 -27.43
C PHE A 136 -23.13 25.89 -27.98
N LEU A 137 -22.69 24.64 -28.05
CA LEU A 137 -21.39 24.29 -28.62
C LEU A 137 -21.31 24.71 -30.07
N VAL A 138 -22.33 24.36 -30.80
CA VAL A 138 -22.37 24.65 -32.21
C VAL A 138 -22.40 26.16 -32.49
N GLN A 139 -23.20 26.93 -31.76
CA GLN A 139 -23.23 28.37 -32.01
C GLN A 139 -21.92 28.99 -31.60
N ALA A 140 -21.42 28.64 -30.42
CA ALA A 140 -20.24 29.28 -29.87
C ALA A 140 -18.97 28.93 -30.61
N GLU A 141 -18.84 27.68 -31.03
CA GLU A 141 -17.55 27.22 -31.53
C GLU A 141 -17.59 26.81 -33.01
N ARG A 142 -18.78 26.87 -33.60
CA ARG A 142 -18.94 26.67 -35.03
C ARG A 142 -18.38 25.35 -35.47
N THR A 143 -18.90 24.31 -34.82
CA THR A 143 -18.61 22.94 -35.18
C THR A 143 -19.92 22.37 -35.67
N VAL A 144 -19.87 21.21 -36.30
CA VAL A 144 -21.08 20.46 -36.45
C VAL A 144 -21.11 19.42 -35.30
N LEU A 145 -22.27 19.20 -34.69
CA LEU A 145 -22.36 18.25 -33.60
C LEU A 145 -23.37 17.18 -33.92
N VAL A 146 -22.97 15.93 -33.74
CA VAL A 146 -23.84 14.78 -34.00
C VAL A 146 -23.94 13.93 -32.74
N SER A 147 -25.14 13.42 -32.45
CA SER A 147 -25.28 12.43 -31.39
C SER A 147 -26.27 11.36 -31.82
N MET A 148 -26.05 10.12 -31.37
CA MET A 148 -26.90 9.02 -31.75
C MET A 148 -27.44 8.32 -30.54
N ASN A 149 -28.60 7.73 -30.71
CA ASN A 149 -29.07 6.74 -29.77
C ASN A 149 -28.46 5.38 -30.14
N TYR A 150 -28.12 4.58 -29.15
CA TYR A 150 -27.70 3.20 -29.43
C TYR A 150 -28.39 2.30 -28.43
N ARG A 151 -28.60 1.05 -28.80
CA ARG A 151 -29.32 0.13 -27.91
C ARG A 151 -28.52 -0.16 -26.65
N VAL A 152 -29.21 -0.20 -25.51
CA VAL A 152 -28.56 -0.47 -24.23
C VAL A 152 -29.19 -1.70 -23.58
N GLY A 153 -28.68 -2.13 -22.44
CA GLY A 153 -29.19 -3.29 -21.75
C GLY A 153 -29.13 -4.52 -22.61
N ALA A 154 -30.04 -5.45 -22.38
CA ALA A 154 -30.09 -6.67 -23.16
C ALA A 154 -30.22 -6.39 -24.65
N PHE A 155 -30.99 -5.36 -25.02
CA PHE A 155 -31.22 -5.06 -26.44
C PHE A 155 -29.94 -4.71 -27.18
N GLY A 156 -28.99 -4.11 -26.46
CA GLY A 156 -27.73 -3.73 -27.08
C GLY A 156 -26.60 -4.73 -26.86
N PHE A 157 -26.66 -5.50 -25.77
CA PHE A 157 -25.47 -6.24 -25.31
C PHE A 157 -25.70 -7.64 -24.78
N LEU A 158 -26.92 -8.16 -24.93
CA LEU A 158 -27.14 -9.58 -24.64
C LEU A 158 -26.33 -10.39 -25.64
N ALA A 159 -25.57 -11.37 -25.19
CA ALA A 159 -24.75 -12.15 -26.10
C ALA A 159 -24.78 -13.65 -25.79
N LEU A 160 -25.10 -14.44 -26.80
CA LEU A 160 -24.82 -15.88 -26.80
C LEU A 160 -23.65 -16.09 -27.77
N PRO A 161 -22.41 -15.97 -27.28
CA PRO A 161 -21.26 -15.93 -28.19
C PRO A 161 -21.19 -17.12 -29.14
N GLY A 162 -20.94 -16.83 -30.41
CA GLY A 162 -20.94 -17.86 -31.42
C GLY A 162 -22.24 -17.94 -32.18
N SER A 163 -23.35 -17.53 -31.56
CA SER A 163 -24.66 -17.58 -32.23
C SER A 163 -24.85 -16.45 -33.23
N ARG A 164 -25.66 -16.70 -34.25
CA ARG A 164 -25.97 -15.65 -35.21
C ARG A 164 -27.12 -14.82 -34.69
N GLU A 165 -27.92 -15.40 -33.79
CA GLU A 165 -29.17 -14.80 -33.36
C GLU A 165 -28.95 -13.74 -32.29
N ALA A 166 -27.87 -13.87 -31.54
CA ALA A 166 -27.49 -12.85 -30.55
C ALA A 166 -25.97 -12.81 -30.39
N PRO A 167 -25.27 -12.21 -31.37
CA PRO A 167 -23.80 -12.18 -31.38
C PRO A 167 -23.16 -11.27 -30.33
N GLY A 168 -23.93 -10.32 -29.77
CA GLY A 168 -23.37 -9.39 -28.81
C GLY A 168 -22.83 -8.12 -29.47
N ASN A 169 -22.62 -7.09 -28.66
CA ASN A 169 -22.02 -5.83 -29.10
C ASN A 169 -22.81 -5.05 -30.15
N VAL A 170 -24.09 -5.34 -30.33
CA VAL A 170 -24.84 -4.69 -31.40
C VAL A 170 -25.11 -3.19 -31.06
N GLY A 171 -25.10 -2.85 -29.78
CA GLY A 171 -25.14 -1.46 -29.38
C GLY A 171 -23.91 -0.71 -29.85
N LEU A 172 -22.75 -1.36 -29.78
CA LEU A 172 -21.54 -0.75 -30.36
C LEU A 172 -21.64 -0.64 -31.88
N LEU A 173 -22.24 -1.66 -32.51
CA LEU A 173 -22.45 -1.59 -33.95
C LEU A 173 -23.46 -0.50 -34.31
N ASP A 174 -24.43 -0.23 -33.42
CA ASP A 174 -25.31 0.92 -33.62
C ASP A 174 -24.46 2.19 -33.70
N GLN A 175 -23.54 2.33 -32.76
CA GLN A 175 -22.70 3.53 -32.77
C GLN A 175 -21.84 3.60 -34.06
N ARG A 176 -21.35 2.44 -34.52
CA ARG A 176 -20.47 2.40 -35.70
C ARG A 176 -21.25 2.76 -36.95
N LEU A 177 -22.47 2.26 -37.03
CA LEU A 177 -23.34 2.56 -38.15
C LEU A 177 -23.63 4.06 -38.20
N ALA A 178 -23.82 4.68 -37.03
CA ALA A 178 -24.02 6.14 -37.00
C ALA A 178 -22.77 6.89 -37.48
N LEU A 179 -21.59 6.42 -37.08
CA LEU A 179 -20.33 6.98 -37.59
C LEU A 179 -20.15 6.78 -39.11
N GLN A 180 -20.59 5.65 -39.65
CA GLN A 180 -20.58 5.43 -41.08
C GLN A 180 -21.55 6.41 -41.71
N TRP A 181 -22.69 6.62 -41.05
CA TRP A 181 -23.69 7.58 -41.54
C TRP A 181 -23.08 8.98 -41.61
N VAL A 182 -22.23 9.29 -40.63
CA VAL A 182 -21.62 10.61 -40.59
C VAL A 182 -20.63 10.76 -41.76
N GLN A 183 -19.80 9.74 -42.00
CA GLN A 183 -18.93 9.71 -43.18
C GLN A 183 -19.71 9.97 -44.45
N GLU A 184 -20.83 9.27 -44.62
CA GLU A 184 -21.59 9.42 -45.87
C GLU A 184 -22.42 10.69 -45.96
N ASN A 185 -22.86 11.27 -44.84
CA ASN A 185 -23.87 12.31 -44.94
C ASN A 185 -23.58 13.65 -44.31
N VAL A 186 -22.53 13.76 -43.51
CA VAL A 186 -22.40 14.97 -42.71
C VAL A 186 -22.05 16.18 -43.59
N ALA A 187 -21.38 15.95 -44.73
CA ALA A 187 -21.08 17.05 -45.66
C ALA A 187 -22.35 17.75 -46.12
N ALA A 188 -23.45 17.01 -46.28
CA ALA A 188 -24.71 17.64 -46.68
C ALA A 188 -25.18 18.68 -45.66
N PHE A 189 -24.58 18.68 -44.46
CA PHE A 189 -24.90 19.67 -43.41
C PHE A 189 -23.82 20.71 -43.25
N GLY A 190 -22.72 20.58 -44.00
CA GLY A 190 -21.60 21.50 -43.90
C GLY A 190 -20.49 20.93 -43.03
N GLY A 191 -20.64 19.66 -42.67
CA GLY A 191 -19.67 19.02 -41.81
C GLY A 191 -18.56 18.44 -42.64
N ASP A 192 -17.38 18.35 -42.04
CA ASP A 192 -16.24 17.79 -42.69
C ASP A 192 -15.99 16.35 -42.21
N PRO A 193 -16.26 15.38 -43.08
CA PRO A 193 -16.07 13.97 -42.70
C PRO A 193 -14.60 13.58 -42.48
N THR A 194 -13.67 14.43 -42.90
CA THR A 194 -12.25 14.16 -42.66
C THR A 194 -11.73 14.74 -41.32
N SER A 195 -12.59 15.46 -40.59
CA SER A 195 -12.26 15.92 -39.24
C SER A 195 -13.38 15.58 -38.22
N VAL A 196 -13.36 14.36 -37.73
CA VAL A 196 -14.39 13.90 -36.82
C VAL A 196 -13.78 13.56 -35.46
N THR A 197 -14.25 14.23 -34.41
CA THR A 197 -13.80 13.98 -33.05
C THR A 197 -14.92 13.31 -32.25
N LEU A 198 -14.66 12.09 -31.78
CA LEU A 198 -15.57 11.38 -30.87
C LEU A 198 -15.39 11.88 -29.44
N PHE A 199 -16.46 12.18 -28.73
CA PHE A 199 -16.34 12.43 -27.30
C PHE A 199 -17.49 11.73 -26.60
N GLY A 200 -17.25 11.32 -25.36
CA GLY A 200 -18.21 10.53 -24.62
C GLY A 200 -17.84 10.52 -23.15
N GLU A 201 -18.82 10.23 -22.30
CA GLU A 201 -18.62 10.26 -20.86
C GLU A 201 -19.03 8.90 -20.28
N SER A 202 -18.23 8.41 -19.34
CA SER A 202 -18.47 7.12 -18.69
C SER A 202 -18.53 5.94 -19.69
N ALA A 203 -19.65 5.23 -19.78
CA ALA A 203 -19.80 4.16 -20.78
C ALA A 203 -19.65 4.71 -22.20
N GLY A 204 -19.99 5.99 -22.36
CA GLY A 204 -19.75 6.72 -23.60
C GLY A 204 -18.24 6.82 -23.87
N ALA A 205 -17.47 7.14 -22.84
CA ALA A 205 -16.01 7.17 -22.97
C ALA A 205 -15.45 5.78 -23.24
N ALA A 206 -15.97 4.78 -22.54
CA ALA A 206 -15.56 3.39 -22.77
C ALA A 206 -15.82 3.00 -24.24
N SER A 207 -16.97 3.43 -24.76
CA SER A 207 -17.32 3.20 -26.15
C SER A 207 -16.33 3.87 -27.09
N VAL A 208 -16.02 5.15 -26.86
CA VAL A 208 -15.02 5.84 -27.66
C VAL A 208 -13.72 5.01 -27.69
N GLY A 209 -13.23 4.62 -26.52
CA GLY A 209 -12.07 3.74 -26.39
C GLY A 209 -12.19 2.46 -27.19
N MET A 210 -13.39 1.87 -27.22
CA MET A 210 -13.55 0.63 -27.94
C MET A 210 -13.49 0.82 -29.45
N HIS A 211 -14.00 1.95 -29.95
CA HIS A 211 -13.85 2.29 -31.34
C HIS A 211 -12.38 2.52 -31.71
N LEU A 212 -11.62 3.14 -30.81
CA LEU A 212 -10.17 3.27 -30.97
C LEU A 212 -9.49 1.92 -31.19
N LEU A 213 -9.97 0.89 -30.48
CA LEU A 213 -9.31 -0.41 -30.42
C LEU A 213 -9.91 -1.41 -31.40
N SER A 214 -10.86 -0.95 -32.21
CA SER A 214 -11.49 -1.84 -33.18
C SER A 214 -11.29 -1.32 -34.60
N PRO A 215 -10.43 -2.01 -35.38
CA PRO A 215 -10.01 -1.45 -36.69
C PRO A 215 -11.13 -0.98 -37.63
N PRO A 216 -12.24 -1.72 -37.76
CA PRO A 216 -13.31 -1.17 -38.62
C PRO A 216 -13.91 0.17 -38.18
N SER A 217 -13.75 0.56 -36.90
CA SER A 217 -14.24 1.87 -36.44
C SER A 217 -13.19 2.97 -36.65
N ARG A 218 -11.94 2.56 -36.72
CA ARG A 218 -10.84 3.49 -36.57
C ARG A 218 -10.74 4.41 -37.80
N GLY A 219 -11.23 3.95 -38.94
CA GLY A 219 -11.26 4.80 -40.11
C GLY A 219 -12.44 5.75 -40.14
N LEU A 220 -13.24 5.76 -39.08
CA LEU A 220 -14.45 6.59 -39.09
C LEU A 220 -14.30 7.87 -38.30
N PHE A 221 -13.14 8.08 -37.69
CA PHE A 221 -12.94 9.31 -36.93
C PHE A 221 -11.45 9.58 -36.81
N HIS A 222 -11.09 10.72 -36.22
CA HIS A 222 -9.72 11.16 -36.24
C HIS A 222 -9.16 11.45 -34.87
N ARG A 223 -9.99 11.88 -33.94
CA ARG A 223 -9.54 12.19 -32.59
C ARG A 223 -10.56 11.71 -31.59
N ALA A 224 -10.17 11.65 -30.32
CA ALA A 224 -11.02 11.03 -29.31
C ALA A 224 -10.96 11.79 -27.98
N VAL A 225 -12.12 11.94 -27.35
CA VAL A 225 -12.18 12.49 -26.01
C VAL A 225 -12.85 11.48 -25.09
N LEU A 226 -12.16 11.13 -24.00
CA LEU A 226 -12.69 10.17 -23.06
C LEU A 226 -12.88 10.87 -21.71
N GLN A 227 -14.13 11.14 -21.38
CA GLN A 227 -14.47 11.80 -20.10
C GLN A 227 -14.94 10.77 -19.06
N SER A 228 -14.15 10.59 -17.99
CA SER A 228 -14.55 9.73 -16.85
C SER A 228 -14.95 8.34 -17.25
N GLY A 229 -14.17 7.73 -18.13
CA GLY A 229 -14.45 6.37 -18.50
C GLY A 229 -13.35 5.90 -19.42
N ALA A 230 -13.22 4.57 -19.52
CA ALA A 230 -12.15 3.95 -20.30
C ALA A 230 -12.62 2.55 -20.67
N PRO A 231 -12.19 2.04 -21.84
CA PRO A 231 -12.61 0.70 -22.28
C PRO A 231 -12.07 -0.40 -21.39
N ASN A 232 -11.00 -0.09 -20.66
CA ASN A 232 -10.39 -1.05 -19.73
C ASN A 232 -10.95 -0.94 -18.29
N GLY A 233 -11.91 -0.04 -18.06
CA GLY A 233 -12.67 -0.11 -16.80
C GLY A 233 -13.17 -1.53 -16.50
N PRO A 234 -13.09 -1.97 -15.22
CA PRO A 234 -13.51 -3.33 -14.83
C PRO A 234 -15.01 -3.62 -15.07
N TRP A 235 -15.82 -2.58 -15.25
CA TRP A 235 -17.24 -2.74 -15.52
C TRP A 235 -17.56 -2.74 -17.03
N ALA A 236 -16.58 -2.40 -17.86
CA ALA A 236 -16.88 -2.05 -19.26
C ALA A 236 -16.97 -3.27 -20.19
N THR A 237 -16.40 -4.40 -19.80
CA THR A 237 -16.48 -5.56 -20.68
C THR A 237 -16.77 -6.83 -19.91
N VAL A 238 -17.13 -7.87 -20.64
CA VAL A 238 -17.39 -9.15 -20.04
C VAL A 238 -16.81 -10.23 -20.95
N GLY A 239 -16.36 -11.34 -20.37
CA GLY A 239 -15.85 -12.45 -21.15
C GLY A 239 -16.99 -13.27 -21.74
N MET A 240 -16.66 -14.09 -22.75
CA MET A 240 -17.67 -14.86 -23.46
C MET A 240 -18.48 -15.79 -22.54
N GLY A 241 -17.79 -16.43 -21.60
CA GLY A 241 -18.42 -17.39 -20.72
C GLY A 241 -19.39 -16.69 -19.79
N GLU A 242 -18.98 -15.57 -19.25
CA GLU A 242 -19.83 -14.86 -18.32
C GLU A 242 -21.01 -14.21 -19.06
N ALA A 243 -20.79 -13.76 -20.29
CA ALA A 243 -21.87 -13.20 -21.11
C ALA A 243 -22.94 -14.25 -21.35
N ARG A 244 -22.51 -15.47 -21.70
CA ARG A 244 -23.45 -16.57 -21.96
C ARG A 244 -24.26 -16.89 -20.71
N ARG A 245 -23.61 -16.86 -19.57
CA ARG A 245 -24.29 -17.13 -18.32
C ARG A 245 -25.37 -16.09 -18.03
N ARG A 246 -25.06 -14.82 -18.24
CA ARG A 246 -26.01 -13.76 -17.96
C ARG A 246 -27.19 -13.82 -18.92
N ALA A 247 -26.93 -14.04 -20.20
CA ALA A 247 -28.01 -14.22 -21.18
C ALA A 247 -28.92 -15.37 -20.78
N THR A 248 -28.31 -16.46 -20.37
CA THR A 248 -29.04 -17.65 -19.99
C THR A 248 -29.87 -17.40 -18.72
N GLN A 249 -29.30 -16.69 -17.76
N GLN A 249 -29.28 -16.71 -17.75
CA GLN A 249 -30.05 -16.35 -16.55
CA GLN A 249 -30.04 -16.35 -16.56
C GLN A 249 -31.25 -15.45 -16.87
C GLN A 249 -31.25 -15.46 -16.87
N LEU A 250 -31.07 -14.49 -17.79
CA LEU A 250 -32.18 -13.60 -18.15
C LEU A 250 -33.31 -14.45 -18.72
N ALA A 251 -32.96 -15.34 -19.64
CA ALA A 251 -33.95 -16.22 -20.27
C ALA A 251 -34.78 -16.95 -19.22
N HIS A 252 -34.08 -17.58 -18.27
CA HIS A 252 -34.74 -18.34 -17.21
C HIS A 252 -35.68 -17.45 -16.38
N LEU A 253 -35.22 -16.24 -16.04
CA LEU A 253 -36.02 -15.31 -15.24
C LEU A 253 -37.29 -14.81 -15.94
N VAL A 254 -37.36 -14.92 -17.27
CA VAL A 254 -38.54 -14.41 -18.01
C VAL A 254 -39.33 -15.58 -18.61
N GLY A 255 -39.03 -16.79 -18.11
CA GLY A 255 -39.77 -17.98 -18.48
C GLY A 255 -39.40 -18.62 -19.81
N CYS A 256 -38.19 -18.39 -20.27
CA CYS A 256 -37.71 -18.97 -21.51
C CYS A 256 -36.76 -20.09 -21.14
N PRO A 257 -36.59 -21.10 -22.03
CA PRO A 257 -35.67 -22.18 -21.67
C PRO A 257 -34.21 -21.89 -22.00
N ASN A 264 -30.32 -24.90 -26.66
CA ASN A 264 -30.15 -24.42 -28.03
C ASN A 264 -30.36 -22.89 -28.13
N ASP A 265 -29.30 -22.19 -28.53
CA ASP A 265 -29.32 -20.74 -28.62
C ASP A 265 -30.46 -20.21 -29.49
N THR A 266 -30.71 -20.85 -30.63
CA THR A 266 -31.80 -20.46 -31.51
C THR A 266 -33.15 -20.43 -30.79
N GLU A 267 -33.46 -21.49 -30.05
CA GLU A 267 -34.73 -21.58 -29.32
C GLU A 267 -34.78 -20.55 -28.20
N LEU A 268 -33.65 -20.36 -27.53
CA LEU A 268 -33.58 -19.41 -26.42
C LEU A 268 -33.81 -17.97 -26.91
N VAL A 269 -33.18 -17.58 -28.01
CA VAL A 269 -33.32 -16.22 -28.52
C VAL A 269 -34.72 -16.02 -29.08
N ALA A 270 -35.25 -17.03 -29.75
CA ALA A 270 -36.61 -16.93 -30.28
C ALA A 270 -37.60 -16.68 -29.14
N CYS A 271 -37.40 -17.36 -28.02
CA CYS A 271 -38.27 -17.15 -26.87
C CYS A 271 -38.12 -15.73 -26.33
N LEU A 272 -36.87 -15.29 -26.13
CA LEU A 272 -36.62 -13.91 -25.68
C LEU A 272 -37.28 -12.90 -26.61
N ARG A 273 -37.32 -13.18 -27.90
CA ARG A 273 -37.90 -12.24 -28.84
C ARG A 273 -39.43 -12.16 -28.73
N THR A 274 -40.07 -13.11 -28.05
CA THR A 274 -41.54 -13.04 -27.90
C THR A 274 -41.90 -12.20 -26.69
N ARG A 275 -40.91 -11.86 -25.86
CA ARG A 275 -41.18 -11.10 -24.64
C ARG A 275 -41.27 -9.60 -24.87
N PRO A 276 -42.24 -8.93 -24.23
CA PRO A 276 -42.26 -7.47 -24.29
C PRO A 276 -40.93 -6.90 -23.81
N ALA A 277 -40.50 -5.81 -24.43
CA ALA A 277 -39.24 -5.18 -24.06
C ALA A 277 -39.20 -4.90 -22.55
N GLN A 278 -40.30 -4.38 -22.01
CA GLN A 278 -40.34 -3.94 -20.61
C GLN A 278 -40.09 -5.12 -19.66
N VAL A 279 -40.46 -6.32 -20.09
CA VAL A 279 -40.22 -7.51 -19.31
C VAL A 279 -38.72 -7.81 -19.21
N LEU A 280 -37.96 -7.58 -20.29
CA LEU A 280 -36.52 -7.83 -20.21
C LEU A 280 -35.94 -6.79 -19.28
N VAL A 281 -36.40 -5.56 -19.42
CA VAL A 281 -35.91 -4.49 -18.57
C VAL A 281 -36.16 -4.82 -17.11
N ASN A 282 -37.35 -5.35 -16.80
CA ASN A 282 -37.71 -5.60 -15.42
C ASN A 282 -36.82 -6.61 -14.71
N HIS A 283 -36.22 -7.52 -15.46
CA HIS A 283 -35.40 -8.58 -14.84
C HIS A 283 -33.88 -8.41 -15.01
N GLU A 284 -33.44 -7.41 -15.78
CA GLU A 284 -32.05 -7.31 -16.16
C GLU A 284 -31.15 -7.10 -14.97
N TRP A 285 -31.66 -6.43 -13.94
CA TRP A 285 -30.86 -6.15 -12.77
C TRP A 285 -30.45 -7.44 -12.03
N HIS A 286 -31.32 -8.44 -11.88
CA HIS A 286 -30.87 -9.58 -11.09
C HIS A 286 -30.28 -10.71 -11.92
N VAL A 287 -29.52 -10.37 -12.96
CA VAL A 287 -28.62 -11.37 -13.56
C VAL A 287 -27.16 -11.20 -13.08
N LEU A 288 -26.88 -10.12 -12.37
CA LEU A 288 -25.54 -9.88 -11.84
C LEU A 288 -25.19 -10.93 -10.78
N PRO A 289 -23.94 -11.41 -10.81
CA PRO A 289 -23.39 -12.45 -9.93
C PRO A 289 -23.18 -11.99 -8.49
N GLN A 290 -22.93 -10.70 -8.30
CA GLN A 290 -22.80 -10.15 -6.95
C GLN A 290 -23.56 -8.82 -6.85
N GLU A 291 -24.04 -8.48 -5.65
CA GLU A 291 -24.65 -7.17 -5.45
C GLU A 291 -23.59 -6.08 -5.67
N SER A 292 -24.01 -4.96 -6.24
CA SER A 292 -23.11 -3.87 -6.58
C SER A 292 -23.81 -2.52 -6.54
N VAL A 293 -23.02 -1.45 -6.37
CA VAL A 293 -23.57 -0.11 -6.51
C VAL A 293 -23.81 0.19 -8.00
N PHE A 294 -23.16 -0.59 -8.86
CA PHE A 294 -23.36 -0.52 -10.31
C PHE A 294 -24.44 -1.51 -10.76
N ARG A 295 -25.28 -1.06 -11.70
CA ARG A 295 -26.38 -1.87 -12.25
C ARG A 295 -26.10 -2.38 -13.67
N PHE A 296 -24.97 -3.08 -13.86
CA PHE A 296 -24.40 -3.28 -15.20
C PHE A 296 -24.47 -4.69 -15.74
N SER A 297 -25.66 -5.15 -16.06
CA SER A 297 -25.79 -6.55 -16.51
C SER A 297 -25.25 -6.88 -17.91
N PHE A 298 -25.64 -6.13 -18.93
CA PHE A 298 -25.21 -6.45 -20.28
C PHE A 298 -24.29 -5.37 -20.82
N VAL A 299 -23.05 -5.77 -21.10
CA VAL A 299 -21.99 -4.84 -21.49
C VAL A 299 -21.22 -5.44 -22.68
N PRO A 300 -20.35 -4.65 -23.34
CA PRO A 300 -19.59 -5.21 -24.46
C PRO A 300 -18.88 -6.52 -24.11
N VAL A 301 -18.91 -7.48 -25.04
CA VAL A 301 -18.28 -8.77 -24.80
C VAL A 301 -16.98 -8.87 -25.60
N VAL A 302 -15.94 -9.40 -24.98
CA VAL A 302 -14.70 -9.71 -25.72
C VAL A 302 -14.82 -11.08 -26.34
N ASP A 303 -15.04 -11.12 -27.64
CA ASP A 303 -15.24 -12.40 -28.30
C ASP A 303 -14.45 -12.56 -29.61
N GLY A 304 -13.42 -11.75 -29.79
CA GLY A 304 -12.58 -11.87 -30.97
C GLY A 304 -13.02 -11.07 -32.18
N ASP A 305 -14.27 -10.60 -32.17
CA ASP A 305 -14.79 -9.91 -33.35
C ASP A 305 -14.62 -8.39 -33.19
N PHE A 306 -15.57 -7.70 -32.56
CA PHE A 306 -15.41 -6.26 -32.35
C PHE A 306 -14.11 -5.94 -31.66
N LEU A 307 -13.86 -6.69 -30.59
CA LEU A 307 -12.63 -6.60 -29.83
C LEU A 307 -11.89 -7.94 -29.98
N SER A 308 -10.76 -7.96 -30.69
CA SER A 308 -10.01 -9.19 -30.92
C SER A 308 -9.29 -9.67 -29.66
N ASP A 309 -9.17 -8.80 -28.67
CA ASP A 309 -8.61 -9.19 -27.38
C ASP A 309 -9.17 -8.24 -26.32
N THR A 310 -8.84 -8.43 -25.05
CA THR A 310 -9.26 -7.47 -24.02
C THR A 310 -8.75 -6.07 -24.33
N PRO A 311 -9.48 -5.03 -23.92
CA PRO A 311 -8.98 -3.67 -24.16
C PRO A 311 -7.59 -3.46 -23.54
N GLU A 312 -7.33 -4.07 -22.41
CA GLU A 312 -6.00 -4.01 -21.81
CA GLU A 312 -5.99 -4.04 -21.81
C GLU A 312 -4.93 -4.55 -22.77
N ALA A 313 -5.14 -5.76 -23.28
CA ALA A 313 -4.22 -6.35 -24.23
C ALA A 313 -4.06 -5.47 -25.47
N LEU A 314 -5.17 -4.95 -25.97
CA LEU A 314 -5.17 -4.18 -27.21
C LEU A 314 -4.43 -2.88 -26.99
N ILE A 315 -4.59 -2.32 -25.80
CA ILE A 315 -3.95 -1.06 -25.46
C ILE A 315 -2.43 -1.24 -25.37
N ASN A 316 -1.96 -2.29 -24.70
CA ASN A 316 -0.51 -2.56 -24.58
C ASN A 316 0.18 -2.85 -25.90
N ALA A 317 -0.54 -3.45 -26.84
CA ALA A 317 0.03 -3.86 -28.11
C ALA A 317 0.00 -2.77 -29.18
N GLY A 318 -0.63 -1.65 -28.88
CA GLY A 318 -1.03 -0.75 -29.94
C GLY A 318 0.01 0.27 -30.29
N ASP A 319 0.06 0.62 -31.56
CA ASP A 319 0.91 1.70 -32.03
C ASP A 319 0.02 2.94 -32.09
N PHE A 320 0.21 3.91 -31.22
CA PHE A 320 -0.74 5.03 -31.27
C PHE A 320 -0.13 6.35 -31.74
N HIS A 321 0.96 6.31 -32.49
CA HIS A 321 1.47 7.50 -33.17
C HIS A 321 0.40 8.01 -34.13
N GLY A 322 0.19 9.32 -34.14
CA GLY A 322 -0.84 9.90 -34.98
C GLY A 322 -2.14 10.14 -34.25
N LEU A 323 -2.29 9.57 -33.06
CA LEU A 323 -3.49 9.78 -32.26
C LEU A 323 -3.31 10.95 -31.29
N GLN A 324 -4.32 11.81 -31.24
CA GLN A 324 -4.46 12.76 -30.14
C GLN A 324 -5.70 12.42 -29.34
N VAL A 325 -5.58 12.47 -28.02
CA VAL A 325 -6.65 12.07 -27.13
C VAL A 325 -6.72 13.06 -25.99
N LEU A 326 -7.94 13.43 -25.62
CA LEU A 326 -8.20 14.28 -24.47
C LEU A 326 -8.92 13.40 -23.44
N VAL A 327 -8.38 13.29 -22.22
CA VAL A 327 -8.99 12.42 -21.21
C VAL A 327 -9.05 13.13 -19.88
N GLY A 328 -10.01 12.76 -19.05
CA GLY A 328 -10.02 13.33 -17.73
C GLY A 328 -11.08 12.75 -16.84
N VAL A 329 -11.16 13.32 -15.64
CA VAL A 329 -12.04 12.83 -14.58
C VAL A 329 -12.59 14.00 -13.83
N VAL A 330 -13.64 13.80 -13.04
CA VAL A 330 -14.08 14.83 -12.11
C VAL A 330 -13.37 14.62 -10.77
N LYS A 331 -13.47 15.60 -9.88
CA LYS A 331 -12.71 15.57 -8.64
C LYS A 331 -13.19 14.44 -7.71
N ASP A 332 -14.47 14.13 -7.71
CA ASP A 332 -14.96 13.03 -6.86
C ASP A 332 -15.76 11.97 -7.61
N GLU A 333 -15.06 11.12 -8.37
CA GLU A 333 -15.72 10.12 -9.21
C GLU A 333 -16.56 9.11 -8.45
N GLY A 334 -16.17 8.75 -7.23
CA GLY A 334 -16.86 7.67 -6.55
C GLY A 334 -18.15 8.06 -5.81
N SER A 335 -18.28 9.34 -5.47
CA SER A 335 -19.27 9.74 -4.48
C SER A 335 -20.73 9.49 -4.90
N TYR A 336 -21.06 9.84 -6.13
CA TYR A 336 -22.39 9.62 -6.72
C TYR A 336 -22.87 8.17 -6.59
N PHE A 337 -21.98 7.23 -6.85
CA PHE A 337 -22.39 5.84 -6.88
C PHE A 337 -22.68 5.25 -5.51
N LEU A 338 -22.15 5.89 -4.45
CA LEU A 338 -22.25 5.31 -3.12
C LEU A 338 -23.70 5.29 -2.59
N VAL A 339 -24.54 6.23 -3.01
CA VAL A 339 -25.95 6.20 -2.57
C VAL A 339 -26.82 5.12 -3.26
N TYR A 340 -26.27 4.37 -4.19
CA TYR A 340 -27.04 3.28 -4.82
C TYR A 340 -26.73 1.90 -4.23
N GLY A 341 -26.41 1.85 -2.94
CA GLY A 341 -26.29 0.57 -2.29
C GLY A 341 -25.16 0.40 -1.29
N ALA A 342 -24.30 1.40 -1.16
CA ALA A 342 -23.29 1.31 -0.12
C ALA A 342 -24.00 1.59 1.21
N PRO A 343 -23.87 0.65 2.18
CA PRO A 343 -24.52 0.80 3.48
C PRO A 343 -24.15 2.08 4.22
N GLY A 344 -25.16 2.78 4.73
CA GLY A 344 -24.93 4.00 5.49
C GLY A 344 -25.01 5.28 4.67
N PHE A 345 -25.12 5.12 3.36
CA PHE A 345 -25.09 6.30 2.49
C PHE A 345 -26.49 6.79 2.09
N SER A 346 -26.65 8.11 2.10
CA SER A 346 -27.84 8.77 1.58
C SER A 346 -27.48 10.18 1.11
N LYS A 347 -28.23 10.69 0.14
CA LYS A 347 -27.97 12.07 -0.27
C LYS A 347 -28.52 13.01 0.78
N ASP A 348 -29.39 12.50 1.65
CA ASP A 348 -30.10 13.38 2.58
C ASP A 348 -29.46 13.49 3.96
N ASN A 349 -28.39 12.74 4.21
CA ASN A 349 -27.57 13.04 5.39
C ASN A 349 -26.07 13.08 5.05
N GLU A 350 -25.23 13.04 6.08
CA GLU A 350 -23.80 13.27 5.88
C GLU A 350 -23.09 11.98 5.52
N SER A 351 -23.81 10.88 5.60
CA SER A 351 -23.26 9.58 5.26
C SER A 351 -21.97 9.30 6.03
N LEU A 352 -21.94 9.69 7.31
CA LEU A 352 -20.80 9.41 8.17
C LEU A 352 -20.86 7.94 8.57
N ILE A 353 -20.10 7.11 7.88
CA ILE A 353 -20.20 5.67 8.06
C ILE A 353 -19.22 5.14 9.12
N SER A 354 -19.51 3.93 9.58
CA SER A 354 -18.68 3.25 10.57
C SER A 354 -17.70 2.35 9.84
N ARG A 355 -16.73 1.81 10.56
CA ARG A 355 -15.72 1.02 9.91
C ARG A 355 -16.33 -0.27 9.36
N ALA A 356 -17.34 -0.80 10.04
CA ALA A 356 -18.02 -1.99 9.53
C ALA A 356 -18.73 -1.67 8.20
N GLU A 357 -19.32 -0.48 8.13
CA GLU A 357 -19.99 -0.05 6.90
C GLU A 357 -18.96 0.14 5.78
N PHE A 358 -17.81 0.72 6.13
CA PHE A 358 -16.71 0.89 5.20
C PHE A 358 -16.30 -0.46 4.59
N LEU A 359 -16.06 -1.45 5.45
CA LEU A 359 -15.66 -2.78 4.97
C LEU A 359 -16.74 -3.33 4.03
N ALA A 360 -17.99 -3.23 4.46
CA ALA A 360 -19.10 -3.66 3.62
C ALA A 360 -19.13 -2.89 2.30
N GLY A 361 -18.88 -1.59 2.36
CA GLY A 361 -18.94 -0.74 1.18
C GLY A 361 -17.94 -1.20 0.16
N VAL A 362 -16.75 -1.56 0.63
CA VAL A 362 -15.68 -2.01 -0.24
C VAL A 362 -16.09 -3.24 -1.07
N ARG A 363 -16.80 -4.19 -0.47
CA ARG A 363 -17.21 -5.38 -1.22
C ARG A 363 -18.25 -5.04 -2.31
N VAL A 364 -19.00 -3.96 -2.11
CA VAL A 364 -20.04 -3.54 -3.05
C VAL A 364 -19.49 -2.60 -4.13
N GLY A 365 -18.48 -1.83 -3.77
CA GLY A 365 -17.90 -0.89 -4.71
C GLY A 365 -16.85 -1.57 -5.58
N VAL A 366 -16.30 -2.67 -5.08
CA VAL A 366 -15.26 -3.43 -5.80
C VAL A 366 -15.71 -4.89 -5.92
N PRO A 367 -16.80 -5.13 -6.66
CA PRO A 367 -17.37 -6.48 -6.70
C PRO A 367 -16.46 -7.48 -7.39
N GLN A 368 -16.62 -8.74 -7.03
CA GLN A 368 -15.99 -9.85 -7.74
C GLN A 368 -14.46 -9.94 -7.61
N VAL A 369 -13.90 -9.41 -6.53
CA VAL A 369 -12.50 -9.69 -6.22
C VAL A 369 -12.42 -10.58 -4.98
N SER A 370 -11.32 -11.31 -4.84
CA SER A 370 -11.13 -12.20 -3.71
C SER A 370 -11.03 -11.47 -2.38
N ASP A 371 -11.16 -12.23 -1.30
CA ASP A 371 -11.01 -11.68 0.05
C ASP A 371 -9.62 -11.07 0.22
N LEU A 372 -8.61 -11.82 -0.24
CA LEU A 372 -7.25 -11.30 -0.23
C LEU A 372 -7.19 -9.94 -0.94
N ALA A 373 -7.86 -9.84 -2.09
CA ALA A 373 -7.88 -8.61 -2.84
C ALA A 373 -8.55 -7.48 -2.02
N ALA A 374 -9.71 -7.77 -1.46
CA ALA A 374 -10.44 -6.78 -0.68
C ALA A 374 -9.61 -6.30 0.51
N GLU A 375 -8.96 -7.24 1.20
CA GLU A 375 -8.06 -6.90 2.31
C GLU A 375 -7.00 -5.92 1.87
N ALA A 376 -6.36 -6.22 0.75
CA ALA A 376 -5.37 -5.28 0.23
C ALA A 376 -5.98 -3.88 0.01
N VAL A 377 -7.29 -3.82 -0.32
CA VAL A 377 -7.92 -2.53 -0.58
C VAL A 377 -8.05 -1.77 0.74
N VAL A 378 -8.62 -2.45 1.72
CA VAL A 378 -8.76 -1.89 3.06
C VAL A 378 -7.44 -1.46 3.68
N LEU A 379 -6.38 -2.24 3.43
CA LEU A 379 -5.04 -1.85 3.85
C LEU A 379 -4.68 -0.51 3.28
N HIS A 380 -4.70 -0.42 1.94
N HIS A 380 -4.72 -0.41 1.95
CA HIS A 380 -4.23 0.76 1.25
CA HIS A 380 -4.21 0.77 1.28
C HIS A 380 -5.02 2.00 1.69
C HIS A 380 -5.07 2.01 1.52
N TYR A 381 -6.33 1.82 1.90
CA TYR A 381 -7.24 2.96 2.02
C TYR A 381 -7.60 3.30 3.45
N THR A 382 -7.04 2.55 4.39
CA THR A 382 -7.19 2.94 5.78
C THR A 382 -6.06 3.88 6.18
N ASP A 383 -6.42 4.95 6.88
CA ASP A 383 -5.46 5.72 7.64
C ASP A 383 -5.28 5.06 9.02
N TRP A 384 -4.16 4.41 9.24
CA TRP A 384 -4.03 3.61 10.46
C TRP A 384 -3.76 4.43 11.74
N LEU A 385 -3.64 5.75 11.58
CA LEU A 385 -3.69 6.67 12.72
C LEU A 385 -5.14 7.11 13.06
N HIS A 386 -6.07 6.91 12.12
CA HIS A 386 -7.48 7.23 12.34
C HIS A 386 -8.37 6.18 11.68
N PRO A 387 -8.26 4.93 12.09
CA PRO A 387 -8.93 3.87 11.32
C PRO A 387 -10.46 3.90 11.41
N GLU A 388 -11.03 4.68 12.31
CA GLU A 388 -12.48 4.63 12.53
C GLU A 388 -13.19 5.96 12.42
N ASP A 389 -12.50 6.97 11.91
CA ASP A 389 -13.09 8.28 11.76
C ASP A 389 -14.11 8.27 10.62
N PRO A 390 -15.40 8.49 10.93
CA PRO A 390 -16.50 8.38 9.96
C PRO A 390 -16.32 9.24 8.70
N ALA A 391 -15.99 10.53 8.83
CA ALA A 391 -15.77 11.37 7.66
C ALA A 391 -14.64 10.86 6.76
N ARG A 392 -13.54 10.41 7.36
CA ARG A 392 -12.41 9.88 6.59
C ARG A 392 -12.80 8.57 5.91
N LEU A 393 -13.61 7.76 6.57
CA LEU A 393 -14.06 6.50 5.98
C LEU A 393 -14.98 6.77 4.78
N ARG A 394 -15.82 7.79 4.89
CA ARG A 394 -16.71 8.17 3.81
C ARG A 394 -15.87 8.58 2.59
N GLU A 395 -14.95 9.51 2.79
CA GLU A 395 -14.02 9.94 1.76
C GLU A 395 -13.20 8.77 1.20
N ALA A 396 -12.72 7.87 2.06
CA ALA A 396 -11.90 6.76 1.57
C ALA A 396 -12.72 5.82 0.69
N LEU A 397 -13.97 5.55 1.05
CA LEU A 397 -14.75 4.61 0.27
C LEU A 397 -15.12 5.26 -1.08
N SER A 398 -15.32 6.57 -1.06
CA SER A 398 -15.51 7.33 -2.29
C SER A 398 -14.28 7.15 -3.20
N ASP A 399 -13.09 7.40 -2.66
CA ASP A 399 -11.81 7.12 -3.33
C ASP A 399 -11.72 5.70 -3.88
N VAL A 400 -12.06 4.71 -3.07
CA VAL A 400 -11.96 3.32 -3.53
C VAL A 400 -12.78 3.12 -4.81
N VAL A 401 -14.04 3.55 -4.76
CA VAL A 401 -14.98 3.32 -5.83
C VAL A 401 -14.58 4.08 -7.10
N GLY A 402 -14.26 5.36 -6.94
CA GLY A 402 -13.80 6.19 -8.05
C GLY A 402 -12.47 5.74 -8.66
N ASP A 403 -11.54 5.32 -7.81
CA ASP A 403 -10.21 4.93 -8.28
C ASP A 403 -10.33 3.67 -9.12
N HIS A 404 -11.02 2.69 -8.57
CA HIS A 404 -11.18 1.39 -9.21
C HIS A 404 -11.95 1.46 -10.52
N ASN A 405 -13.05 2.20 -10.52
CA ASN A 405 -13.92 2.16 -11.68
C ASN A 405 -13.65 3.23 -12.72
N VAL A 406 -13.05 4.34 -12.33
CA VAL A 406 -12.87 5.44 -13.26
C VAL A 406 -11.45 6.00 -13.36
N VAL A 407 -10.90 6.51 -12.25
CA VAL A 407 -9.62 7.23 -12.30
C VAL A 407 -8.45 6.34 -12.75
N CYS A 408 -8.33 5.15 -12.19
CA CYS A 408 -7.15 4.37 -12.52
C CYS A 408 -7.26 3.73 -13.90
N PRO A 409 -8.47 3.29 -14.29
CA PRO A 409 -8.51 2.87 -15.70
C PRO A 409 -8.18 4.01 -16.69
N VAL A 410 -8.62 5.23 -16.42
CA VAL A 410 -8.29 6.36 -17.30
C VAL A 410 -6.79 6.66 -17.25
N ALA A 411 -6.21 6.65 -16.06
CA ALA A 411 -4.78 6.89 -15.90
C ALA A 411 -3.98 5.83 -16.64
N GLN A 412 -4.42 4.58 -16.56
CA GLN A 412 -3.71 3.53 -17.26
C GLN A 412 -3.79 3.69 -18.77
N LEU A 413 -4.98 4.02 -19.25
CA LEU A 413 -5.15 4.29 -20.69
C LEU A 413 -4.26 5.46 -21.12
N ALA A 414 -4.31 6.55 -20.35
CA ALA A 414 -3.52 7.73 -20.66
C ALA A 414 -2.02 7.39 -20.75
N GLY A 415 -1.49 6.67 -19.77
CA GLY A 415 -0.07 6.35 -19.73
C GLY A 415 0.40 5.45 -20.85
N ARG A 416 -0.37 4.41 -21.12
CA ARG A 416 -0.04 3.51 -22.20
C ARG A 416 -0.12 4.22 -23.57
N LEU A 417 -1.20 4.97 -23.81
CA LEU A 417 -1.32 5.63 -25.11
C LEU A 417 -0.16 6.61 -25.29
N ALA A 418 0.16 7.39 -24.27
CA ALA A 418 1.25 8.37 -24.39
C ALA A 418 2.61 7.69 -24.65
N ALA A 419 2.86 6.58 -23.97
CA ALA A 419 4.14 5.88 -24.12
C ALA A 419 4.23 5.19 -25.46
N GLN A 420 3.09 5.00 -26.12
CA GLN A 420 3.07 4.28 -27.39
C GLN A 420 2.65 5.14 -28.56
N GLY A 421 2.96 6.42 -28.44
CA GLY A 421 2.91 7.33 -29.57
C GLY A 421 1.80 8.34 -29.59
N ALA A 422 0.81 8.21 -28.72
CA ALA A 422 -0.32 9.13 -28.77
C ALA A 422 0.09 10.44 -28.15
N ARG A 423 -0.51 11.55 -28.58
CA ARG A 423 -0.40 12.78 -27.82
C ARG A 423 -1.65 12.92 -26.94
N VAL A 424 -1.44 12.99 -25.63
CA VAL A 424 -2.52 12.92 -24.65
C VAL A 424 -2.62 14.21 -23.87
N TYR A 425 -3.83 14.73 -23.69
CA TYR A 425 -4.08 15.82 -22.74
C TYR A 425 -5.00 15.29 -21.65
N ALA A 426 -4.70 15.61 -20.39
CA ALA A 426 -5.43 15.11 -19.25
C ALA A 426 -5.93 16.27 -18.39
N TYR A 427 -7.13 16.11 -17.81
CA TYR A 427 -7.67 17.12 -16.91
C TYR A 427 -8.30 16.48 -15.68
N VAL A 428 -8.46 17.27 -14.63
CA VAL A 428 -9.36 16.93 -13.54
C VAL A 428 -10.33 18.08 -13.42
N PHE A 429 -11.61 17.77 -13.43
CA PHE A 429 -12.61 18.84 -13.42
C PHE A 429 -13.01 19.08 -11.96
N GLU A 430 -12.77 20.30 -11.49
CA GLU A 430 -12.84 20.53 -10.04
C GLU A 430 -13.80 21.61 -9.62
N HIS A 431 -14.75 21.95 -10.49
CA HIS A 431 -15.74 22.96 -10.15
C HIS A 431 -17.07 22.36 -9.72
N ARG A 432 -17.51 22.69 -8.51
CA ARG A 432 -18.83 22.27 -8.08
C ARG A 432 -19.83 23.32 -8.53
N ALA A 433 -20.80 22.91 -9.34
CA ALA A 433 -21.76 23.86 -9.90
C ALA A 433 -22.55 24.56 -8.81
N SER A 434 -22.70 25.88 -8.92
CA SER A 434 -23.55 26.62 -8.00
C SER A 434 -24.97 26.06 -7.97
N THR A 435 -25.39 25.43 -9.08
CA THR A 435 -26.74 24.86 -9.18
C THR A 435 -26.89 23.39 -8.72
N LEU A 436 -25.80 22.78 -8.24
CA LEU A 436 -25.81 21.34 -7.96
C LEU A 436 -26.82 20.92 -6.89
N SER A 437 -27.60 19.90 -7.19
CA SER A 437 -28.67 19.45 -6.28
C SER A 437 -28.26 18.35 -5.31
N TRP A 438 -27.10 17.71 -5.56
CA TRP A 438 -26.55 16.71 -4.62
C TRP A 438 -25.87 17.40 -3.46
N PRO A 439 -25.80 16.73 -2.29
CA PRO A 439 -25.26 17.40 -1.10
C PRO A 439 -23.80 17.75 -1.22
N LEU A 440 -23.37 18.67 -0.37
CA LEU A 440 -21.99 19.14 -0.35
C LEU A 440 -20.94 18.03 -0.17
N TRP A 441 -21.26 16.96 0.56
CA TRP A 441 -20.23 15.96 0.84
C TRP A 441 -19.84 15.18 -0.42
N MET A 442 -20.67 15.22 -1.44
CA MET A 442 -20.38 14.48 -2.66
C MET A 442 -19.33 15.18 -3.54
N GLY A 443 -19.05 16.45 -3.25
CA GLY A 443 -18.05 17.23 -3.96
C GLY A 443 -18.44 17.53 -5.41
N VAL A 444 -17.52 17.24 -6.34
CA VAL A 444 -17.81 17.32 -7.78
C VAL A 444 -18.08 15.91 -8.29
N PRO A 445 -19.35 15.53 -8.38
CA PRO A 445 -19.59 14.12 -8.67
C PRO A 445 -19.52 13.78 -10.16
N HIS A 446 -19.47 12.49 -10.39
CA HIS A 446 -19.47 11.92 -11.72
C HIS A 446 -20.62 12.44 -12.58
N GLY A 447 -20.29 12.90 -13.78
CA GLY A 447 -21.29 13.39 -14.71
C GLY A 447 -21.47 14.90 -14.74
N TYR A 448 -20.92 15.61 -13.77
CA TYR A 448 -21.30 17.02 -13.62
C TYR A 448 -20.31 17.99 -14.25
N GLU A 449 -19.40 17.48 -15.08
CA GLU A 449 -18.67 18.37 -16.00
C GLU A 449 -19.40 18.51 -17.35
N ILE A 450 -20.29 17.56 -17.65
CA ILE A 450 -20.93 17.54 -18.96
C ILE A 450 -21.69 18.81 -19.27
N GLU A 451 -22.49 19.30 -18.31
CA GLU A 451 -23.25 20.52 -18.53
C GLU A 451 -22.36 21.70 -18.87
N PHE A 452 -21.15 21.74 -18.30
CA PHE A 452 -20.21 22.80 -18.65
C PHE A 452 -19.60 22.62 -20.05
N ILE A 453 -19.30 21.39 -20.44
CA ILE A 453 -18.72 21.13 -21.75
C ILE A 453 -19.70 21.53 -22.85
N PHE A 454 -21.00 21.28 -22.61
CA PHE A 454 -22.06 21.55 -23.59
C PHE A 454 -22.60 22.99 -23.48
N GLY A 455 -22.02 23.78 -22.58
CA GLY A 455 -22.35 25.19 -22.46
C GLY A 455 -23.76 25.45 -21.92
N ILE A 456 -24.32 24.47 -21.23
CA ILE A 456 -25.64 24.62 -20.63
C ILE A 456 -25.77 25.86 -19.71
N PRO A 457 -24.67 26.26 -19.03
CA PRO A 457 -24.83 27.51 -18.25
C PRO A 457 -25.16 28.78 -19.04
N LEU A 458 -25.04 28.78 -20.37
CA LEU A 458 -25.41 29.95 -21.17
C LEU A 458 -26.93 30.12 -21.28
N ASP A 459 -27.67 29.05 -21.01
CA ASP A 459 -29.12 29.05 -21.07
C ASP A 459 -29.65 29.99 -20.00
N PRO A 460 -30.29 31.08 -20.43
CA PRO A 460 -30.67 32.18 -19.53
C PRO A 460 -31.68 31.71 -18.49
N SER A 461 -32.53 30.76 -18.88
CA SER A 461 -33.55 30.21 -17.99
C SER A 461 -32.98 29.42 -16.82
N ARG A 462 -31.70 29.08 -16.89
CA ARG A 462 -31.07 28.39 -15.77
C ARG A 462 -30.32 29.43 -14.96
N ASN A 463 -29.72 29.01 -13.85
CA ASN A 463 -29.33 29.97 -12.84
C ASN A 463 -27.86 30.01 -12.52
N TYR A 464 -27.03 29.68 -13.49
CA TYR A 464 -25.59 29.72 -13.28
C TYR A 464 -25.12 31.16 -13.12
N THR A 465 -23.99 31.34 -12.45
CA THR A 465 -23.39 32.67 -12.30
C THR A 465 -22.68 33.16 -13.55
N ALA A 466 -22.41 34.46 -13.62
CA ALA A 466 -21.66 35.01 -14.73
C ALA A 466 -20.27 34.35 -14.82
N GLU A 467 -19.65 34.06 -13.68
CA GLU A 467 -18.37 33.35 -13.67
C GLU A 467 -18.50 31.95 -14.27
N GLU A 468 -19.60 31.28 -13.96
CA GLU A 468 -19.84 29.96 -14.47
C GLU A 468 -20.02 29.96 -16.01
N LYS A 469 -20.54 31.05 -16.55
CA LYS A 469 -20.77 31.14 -17.99
C LYS A 469 -19.46 31.31 -18.72
N ILE A 470 -18.60 32.15 -18.17
CA ILE A 470 -17.29 32.33 -18.73
C ILE A 470 -16.50 31.02 -18.66
N PHE A 471 -16.68 30.26 -17.59
CA PHE A 471 -16.00 28.98 -17.41
C PHE A 471 -16.46 27.99 -18.51
N ALA A 472 -17.77 27.92 -18.72
CA ALA A 472 -18.36 27.07 -19.76
C ALA A 472 -17.76 27.43 -21.11
N GLN A 473 -17.59 28.72 -21.36
CA GLN A 473 -17.10 29.18 -22.65
C GLN A 473 -15.65 28.76 -22.84
N ARG A 474 -14.89 28.84 -21.76
CA ARG A 474 -13.52 28.31 -21.73
C ARG A 474 -13.47 26.81 -22.09
N LEU A 475 -14.31 26.01 -21.43
CA LEU A 475 -14.32 24.58 -21.66
C LEU A 475 -14.73 24.24 -23.10
N MET A 476 -15.77 24.91 -23.60
CA MET A 476 -16.22 24.72 -24.98
C MET A 476 -15.09 25.04 -25.96
N ARG A 477 -14.35 26.12 -25.70
CA ARG A 477 -13.16 26.47 -26.50
C ARG A 477 -12.06 25.40 -26.43
N TYR A 478 -11.74 24.90 -25.22
CA TYR A 478 -10.74 23.85 -25.09
C TYR A 478 -11.13 22.66 -25.96
N TRP A 479 -12.39 22.23 -25.83
CA TRP A 479 -12.86 21.03 -26.49
C TRP A 479 -12.87 21.20 -28.01
N ALA A 480 -13.33 22.35 -28.48
CA ALA A 480 -13.42 22.60 -29.90
C ALA A 480 -12.02 22.85 -30.51
N ASN A 481 -11.13 23.51 -29.75
CA ASN A 481 -9.74 23.62 -30.20
C ASN A 481 -9.16 22.23 -30.42
N PHE A 482 -9.47 21.32 -29.49
CA PHE A 482 -8.93 19.97 -29.58
C PHE A 482 -9.51 19.29 -30.81
N ALA A 483 -10.79 19.50 -31.06
CA ALA A 483 -11.43 18.85 -32.21
C ALA A 483 -10.87 19.38 -33.55
N ARG A 484 -10.54 20.67 -33.58
CA ARG A 484 -10.03 21.29 -34.80
C ARG A 484 -8.57 20.94 -35.06
N THR A 485 -7.75 20.83 -34.00
CA THR A 485 -6.29 20.75 -34.17
C THR A 485 -5.58 19.63 -33.41
N GLY A 486 -6.28 18.91 -32.55
CA GLY A 486 -5.61 17.92 -31.70
C GLY A 486 -4.93 18.54 -30.48
N ASP A 487 -5.19 19.82 -30.24
CA ASP A 487 -4.51 20.54 -29.17
C ASP A 487 -5.51 21.53 -28.54
N PRO A 488 -5.84 21.40 -27.24
CA PRO A 488 -6.87 22.30 -26.67
C PRO A 488 -6.37 23.73 -26.42
N ASN A 489 -5.06 23.92 -26.49
CA ASN A 489 -4.48 25.21 -26.16
C ASN A 489 -4.90 26.30 -27.12
N GLU A 490 -5.15 27.48 -26.58
CA GLU A 490 -5.60 28.60 -27.41
C GLU A 490 -4.48 28.90 -28.41
N PRO A 491 -4.73 28.51 -29.69
CA PRO A 491 -3.75 28.10 -30.70
C PRO A 491 -2.51 28.95 -30.62
N ARG A 492 -2.70 30.24 -30.89
CA ARG A 492 -1.79 31.25 -30.42
C ARG A 492 -2.52 32.05 -29.35
N ASP A 493 -2.13 31.80 -28.11
CA ASP A 493 -2.38 32.73 -27.02
C ASP A 493 -1.15 32.69 -26.16
N PRO A 494 -0.19 33.58 -26.45
CA PRO A 494 1.08 33.64 -25.74
C PRO A 494 0.92 33.57 -24.22
N LYS A 495 0.22 34.52 -23.61
CA LYS A 495 0.34 34.70 -22.16
C LYS A 495 -0.69 33.92 -21.35
N ALA A 496 -1.52 33.12 -22.02
CA ALA A 496 -2.36 32.14 -21.31
C ALA A 496 -1.47 30.98 -20.84
N PRO A 497 -1.72 30.49 -19.60
CA PRO A 497 -0.92 29.37 -19.06
C PRO A 497 -1.25 28.06 -19.81
N GLN A 498 -0.21 27.36 -20.27
CA GLN A 498 -0.42 26.32 -21.26
C GLN A 498 -0.76 24.94 -20.65
N TRP A 499 -1.56 24.20 -21.38
CA TRP A 499 -1.94 22.84 -21.05
C TRP A 499 -0.91 21.89 -21.68
N PRO A 500 0.02 21.36 -20.88
CA PRO A 500 1.03 20.48 -21.49
C PRO A 500 0.48 19.08 -21.70
N PRO A 501 1.06 18.33 -22.64
CA PRO A 501 0.65 16.94 -22.82
C PRO A 501 0.92 16.05 -21.58
N TYR A 502 0.06 15.05 -21.39
CA TYR A 502 0.27 14.05 -20.35
C TYR A 502 1.27 13.00 -20.82
N THR A 503 2.23 12.63 -19.97
CA THR A 503 3.21 11.61 -20.34
C THR A 503 3.36 10.60 -19.20
N ALA A 504 3.75 9.36 -19.54
CA ALA A 504 3.86 8.31 -18.52
C ALA A 504 4.83 8.70 -17.41
N GLY A 505 5.83 9.50 -17.75
CA GLY A 505 6.80 9.98 -16.76
C GLY A 505 6.31 11.15 -15.93
N ALA A 506 6.17 12.31 -16.56
CA ALA A 506 5.86 13.51 -15.80
C ALA A 506 4.40 13.52 -15.35
N GLN A 507 3.53 12.80 -16.06
CA GLN A 507 2.11 12.66 -15.67
C GLN A 507 1.38 13.98 -15.41
N GLN A 508 1.65 14.99 -16.24
CA GLN A 508 1.03 16.28 -16.00
C GLN A 508 -0.41 16.35 -16.51
N TYR A 509 -1.25 17.05 -15.74
CA TYR A 509 -2.62 17.30 -16.15
C TYR A 509 -2.97 18.69 -15.67
N VAL A 510 -4.12 19.24 -16.10
CA VAL A 510 -4.54 20.53 -15.57
C VAL A 510 -5.83 20.44 -14.76
N SER A 511 -6.01 21.38 -13.85
CA SER A 511 -7.25 21.43 -13.12
C SER A 511 -8.18 22.36 -13.89
N LEU A 512 -9.41 21.93 -14.09
CA LEU A 512 -10.40 22.77 -14.73
C LEU A 512 -11.32 23.32 -13.65
N ASP A 513 -11.21 24.61 -13.35
CA ASP A 513 -12.16 25.26 -12.43
C ASP A 513 -12.25 26.73 -12.79
N LEU A 514 -12.80 27.54 -11.89
CA LEU A 514 -12.97 28.97 -12.16
C LEU A 514 -11.67 29.73 -12.22
N ARG A 515 -10.60 29.13 -11.70
CA ARG A 515 -9.26 29.73 -11.70
C ARG A 515 -8.56 29.41 -13.02
N PRO A 516 -7.52 30.18 -13.38
CA PRO A 516 -6.74 29.78 -14.56
C PRO A 516 -6.15 28.40 -14.41
N LEU A 517 -5.88 27.71 -15.53
CA LEU A 517 -5.31 26.37 -15.51
C LEU A 517 -4.17 26.29 -14.53
N GLU A 518 -4.15 25.21 -13.76
CA GLU A 518 -3.02 24.92 -12.90
C GLU A 518 -2.49 23.55 -13.29
N VAL A 519 -1.21 23.47 -13.63
CA VAL A 519 -0.58 22.20 -13.97
C VAL A 519 -0.17 21.40 -12.72
N ARG A 520 -0.56 20.11 -12.67
CA ARG A 520 -0.17 19.24 -11.56
C ARG A 520 0.36 17.94 -12.11
N ARG A 521 0.89 17.10 -11.22
CA ARG A 521 1.45 15.78 -11.60
C ARG A 521 0.68 14.63 -10.95
N GLY A 522 0.35 13.63 -11.76
CA GLY A 522 -0.16 12.36 -11.27
C GLY A 522 -1.66 12.24 -11.10
N LEU A 523 -2.29 11.32 -11.82
CA LEU A 523 -3.72 11.06 -11.62
C LEU A 523 -3.87 10.02 -10.52
N ARG A 524 -3.91 10.49 -9.27
CA ARG A 524 -3.89 9.58 -8.12
C ARG A 524 -2.81 8.48 -8.31
N ALA A 525 -1.58 8.90 -8.58
CA ALA A 525 -0.52 7.95 -8.94
C ALA A 525 -0.26 6.85 -7.88
N GLN A 526 -0.20 7.22 -6.61
CA GLN A 526 0.03 6.23 -5.56
C GLN A 526 -1.11 5.23 -5.52
N ALA A 527 -2.35 5.72 -5.55
CA ALA A 527 -3.49 4.81 -5.48
C ALA A 527 -3.57 3.95 -6.74
N CYS A 528 -3.36 4.54 -7.91
CA CYS A 528 -3.48 3.78 -9.17
C CYS A 528 -2.35 2.76 -9.40
N ALA A 529 -1.19 2.98 -8.78
CA ALA A 529 -0.17 1.92 -8.80
C ALA A 529 -0.76 0.66 -8.18
N PHE A 530 -1.54 0.83 -7.12
CA PHE A 530 -2.17 -0.31 -6.48
C PHE A 530 -3.08 -1.04 -7.47
N TRP A 531 -4.07 -0.33 -8.04
CA TRP A 531 -5.02 -0.96 -8.95
C TRP A 531 -4.39 -1.43 -10.26
N ASN A 532 -3.43 -0.67 -10.77
CA ASN A 532 -2.92 -0.96 -12.10
C ASN A 532 -1.69 -1.86 -12.11
N ARG A 533 -0.88 -1.83 -11.04
CA ARG A 533 0.34 -2.63 -11.01
C ARG A 533 0.28 -3.84 -10.08
N PHE A 534 -0.15 -3.65 -8.83
CA PHE A 534 -0.12 -4.77 -7.91
C PHE A 534 -1.30 -5.75 -8.02
N LEU A 535 -2.51 -5.24 -7.90
CA LEU A 535 -3.68 -6.10 -7.87
C LEU A 535 -3.78 -7.13 -9.00
N PRO A 536 -3.41 -6.76 -10.26
CA PRO A 536 -3.39 -7.80 -11.30
C PRO A 536 -2.49 -9.01 -10.97
N LYS A 537 -1.31 -8.75 -10.41
CA LYS A 537 -0.36 -9.80 -10.01
C LYS A 537 -0.97 -10.73 -8.96
N LEU A 538 -1.73 -10.14 -8.06
CA LEU A 538 -2.40 -10.86 -6.99
C LEU A 538 -3.45 -11.82 -7.56
N LEU A 539 -4.40 -11.29 -8.33
CA LEU A 539 -5.47 -12.09 -8.93
C LEU A 539 -4.90 -13.21 -9.83
N SER A 540 -3.64 -13.09 -10.25
CA SER A 540 -2.93 -14.19 -10.92
C SER A 540 -2.59 -15.30 -9.94
N ALA A 541 -1.51 -15.10 -9.19
CA ALA A 541 -0.99 -16.09 -8.25
C ALA A 541 -1.71 -16.00 -6.91
N ARG B 2 45.81 -5.01 54.25
CA ARG B 2 45.70 -6.34 53.64
C ARG B 2 44.60 -6.41 52.56
N GLU B 3 43.33 -6.35 52.98
CA GLU B 3 42.18 -6.57 52.08
C GLU B 3 41.04 -5.53 52.26
N ASP B 4 40.27 -5.25 51.20
CA ASP B 4 39.16 -4.28 51.25
C ASP B 4 37.79 -4.97 51.24
N ALA B 5 37.08 -4.87 52.36
CA ALA B 5 35.85 -5.62 52.59
C ALA B 5 34.76 -5.34 51.56
N GLU B 6 34.77 -4.14 50.98
CA GLU B 6 33.75 -3.77 50.01
C GLU B 6 33.90 -4.64 48.76
N LEU B 7 35.15 -5.05 48.49
CA LEU B 7 35.48 -5.80 47.28
C LEU B 7 35.40 -7.29 47.47
N LEU B 8 34.82 -7.73 48.59
CA LEU B 8 34.69 -9.15 48.88
C LEU B 8 33.24 -9.53 49.06
N VAL B 9 32.83 -10.60 48.39
CA VAL B 9 31.45 -11.03 48.45
C VAL B 9 31.42 -12.53 48.41
N THR B 10 30.48 -13.11 49.16
CA THR B 10 30.29 -14.54 49.09
C THR B 10 28.98 -14.81 48.38
N VAL B 11 29.03 -15.67 47.37
CA VAL B 11 27.83 -16.08 46.64
C VAL B 11 27.66 -17.56 46.89
N ARG B 12 26.57 -18.15 46.43
CA ARG B 12 26.32 -19.54 46.77
C ARG B 12 27.47 -20.50 46.44
N GLY B 13 28.24 -20.18 45.40
CA GLY B 13 29.28 -21.08 44.95
C GLY B 13 30.61 -20.93 45.69
N GLY B 14 30.75 -19.82 46.40
CA GLY B 14 32.03 -19.51 46.99
C GLY B 14 32.30 -18.02 47.06
N ARG B 15 33.56 -17.69 47.35
CA ARG B 15 33.95 -16.32 47.57
C ARG B 15 34.56 -15.65 46.34
N LEU B 16 34.31 -14.35 46.22
CA LEU B 16 34.73 -13.52 45.10
C LEU B 16 35.52 -12.32 45.59
N ARG B 17 36.51 -11.91 44.80
CA ARG B 17 37.17 -10.63 44.99
C ARG B 17 36.94 -9.76 43.75
N GLY B 18 36.57 -8.51 43.94
CA GLY B 18 36.32 -7.61 42.82
C GLY B 18 37.31 -6.47 42.79
N ILE B 19 36.94 -5.41 42.12
CA ILE B 19 37.85 -4.31 41.88
C ILE B 19 37.07 -2.98 42.08
N ARG B 20 37.77 -1.96 42.56
CA ARG B 20 37.17 -0.64 42.74
C ARG B 20 37.40 0.19 41.50
N LEU B 21 36.32 0.61 40.83
CA LEU B 21 36.46 1.37 39.60
C LEU B 21 36.29 2.83 39.83
N LYS B 22 37.19 3.61 39.24
CA LYS B 22 37.04 5.05 39.19
C LYS B 22 36.00 5.41 38.13
N THR B 23 35.08 6.30 38.48
CA THR B 23 34.20 6.94 37.50
C THR B 23 34.25 8.44 37.76
N PRO B 24 33.94 9.27 36.73
CA PRO B 24 33.81 10.71 36.88
C PRO B 24 33.00 11.14 38.10
N GLY B 25 31.97 10.37 38.46
CA GLY B 25 31.14 10.74 39.58
C GLY B 25 31.51 10.09 40.90
N GLY B 26 32.56 9.28 40.92
CA GLY B 26 32.93 8.57 42.14
C GLY B 26 33.09 7.06 41.95
N PRO B 27 33.46 6.35 43.02
CA PRO B 27 33.83 4.93 42.90
C PRO B 27 32.64 3.98 42.74
N VAL B 28 32.91 2.89 42.05
CA VAL B 28 31.94 1.84 41.87
C VAL B 28 32.66 0.52 42.15
N SER B 29 31.98 -0.47 42.68
CA SER B 29 32.55 -1.82 42.81
C SER B 29 32.17 -2.67 41.61
N ALA B 30 33.15 -3.38 41.05
CA ALA B 30 32.92 -4.22 39.89
C ALA B 30 33.44 -5.61 40.15
N PHE B 31 32.60 -6.59 39.81
CA PHE B 31 32.95 -7.99 39.89
C PHE B 31 32.80 -8.51 38.48
N LEU B 32 33.90 -8.55 37.75
CA LEU B 32 33.89 -8.84 36.33
C LEU B 32 34.37 -10.25 36.10
N GLY B 33 33.72 -10.99 35.25
CA GLY B 33 34.16 -12.35 35.01
C GLY B 33 33.84 -13.37 36.09
N ILE B 34 32.62 -13.30 36.63
CA ILE B 34 32.14 -14.33 37.53
C ILE B 34 31.62 -15.56 36.78
N PRO B 35 32.15 -16.76 37.08
CA PRO B 35 31.71 -17.98 36.38
C PRO B 35 30.31 -18.35 36.81
N PHE B 36 29.38 -18.57 35.89
CA PHE B 36 28.03 -18.91 36.36
C PHE B 36 27.63 -20.28 35.85
N ALA B 37 28.44 -20.81 34.95
CA ALA B 37 28.27 -22.16 34.44
C ALA B 37 29.61 -22.90 34.36
N GLU B 38 29.55 -24.23 34.36
CA GLU B 38 30.69 -25.05 33.99
C GLU B 38 31.04 -24.70 32.56
N PRO B 39 32.34 -24.63 32.24
CA PRO B 39 32.75 -24.32 30.86
C PRO B 39 32.11 -25.28 29.85
N PRO B 40 31.37 -24.76 28.86
CA PRO B 40 30.72 -25.71 27.94
C PRO B 40 31.69 -26.25 26.87
N MET B 41 32.70 -26.97 27.35
CA MET B 41 33.86 -27.45 26.58
C MET B 41 33.69 -28.89 26.18
N GLY B 42 34.32 -29.30 25.08
CA GLY B 42 34.43 -30.72 24.78
C GLY B 42 33.09 -31.42 24.66
N PRO B 43 32.82 -32.37 25.57
CA PRO B 43 31.55 -33.10 25.59
C PRO B 43 30.36 -32.18 25.90
N ARG B 44 30.64 -31.00 26.45
CA ARG B 44 29.57 -30.09 26.83
C ARG B 44 29.22 -29.06 25.74
N ARG B 45 29.91 -29.09 24.61
CA ARG B 45 29.56 -28.25 23.48
C ARG B 45 28.15 -28.63 22.98
N PHE B 46 27.31 -27.63 22.74
CA PHE B 46 25.91 -27.76 22.28
C PHE B 46 24.96 -28.17 23.36
N LEU B 47 25.46 -28.48 24.55
CA LEU B 47 24.58 -28.90 25.64
C LEU B 47 24.08 -27.71 26.44
N PRO B 48 22.94 -27.87 27.15
CA PRO B 48 22.52 -26.84 28.10
C PRO B 48 23.60 -26.54 29.11
N PRO B 49 23.61 -25.32 29.65
CA PRO B 49 24.63 -25.02 30.67
C PRO B 49 24.39 -25.77 31.98
N GLU B 50 25.46 -26.27 32.59
CA GLU B 50 25.38 -26.82 33.94
C GLU B 50 25.79 -25.71 34.91
N PRO B 51 25.06 -25.55 36.01
CA PRO B 51 25.46 -24.54 36.99
C PRO B 51 26.92 -24.73 37.43
N LYS B 52 27.61 -23.61 37.68
CA LYS B 52 28.98 -23.65 38.14
C LYS B 52 29.10 -24.41 39.48
N GLN B 53 30.01 -25.35 39.56
CA GLN B 53 30.19 -26.05 40.84
C GLN B 53 30.89 -25.15 41.87
N PRO B 54 30.52 -25.30 43.15
CA PRO B 54 31.15 -24.52 44.22
C PRO B 54 32.68 -24.69 44.24
N TRP B 55 33.38 -23.65 44.69
CA TRP B 55 34.83 -23.65 44.71
C TRP B 55 35.29 -23.23 46.09
N SER B 56 36.49 -23.64 46.48
CA SER B 56 37.06 -23.13 47.72
C SER B 56 38.02 -22.00 47.37
N GLY B 57 38.40 -21.20 48.34
CA GLY B 57 39.28 -20.07 48.05
C GLY B 57 38.50 -18.92 47.42
N VAL B 58 39.24 -17.94 46.93
CA VAL B 58 38.62 -16.74 46.41
C VAL B 58 38.86 -16.62 44.90
N VAL B 59 37.76 -16.51 44.15
CA VAL B 59 37.85 -16.25 42.71
C VAL B 59 38.04 -14.76 42.46
N ASP B 60 39.06 -14.40 41.71
CA ASP B 60 39.24 -13.01 41.32
C ASP B 60 38.29 -12.68 40.16
N ALA B 61 37.26 -11.90 40.47
CA ALA B 61 36.36 -11.36 39.47
C ALA B 61 36.82 -9.96 39.13
N THR B 62 37.97 -9.84 38.48
CA THR B 62 38.61 -8.54 38.37
C THR B 62 38.85 -8.06 36.94
N THR B 63 38.45 -8.85 35.96
CA THR B 63 38.51 -8.39 34.56
C THR B 63 37.53 -9.21 33.76
N PHE B 64 37.05 -8.67 32.64
CA PHE B 64 36.19 -9.41 31.74
C PHE B 64 36.85 -10.71 31.28
N GLN B 65 36.07 -11.77 31.27
CA GLN B 65 36.53 -13.03 30.70
C GLN B 65 36.38 -13.08 29.19
N SER B 66 36.71 -14.24 28.61
CA SER B 66 36.76 -14.40 27.17
C SER B 66 35.41 -14.18 26.48
N VAL B 67 35.47 -13.76 25.22
CA VAL B 67 34.32 -13.67 24.32
C VAL B 67 33.94 -15.06 23.77
N CYS B 68 32.66 -15.40 23.71
CA CYS B 68 32.27 -16.70 23.16
C CYS B 68 32.66 -16.71 21.69
N TYR B 69 33.10 -17.85 21.17
CA TYR B 69 33.52 -17.94 19.76
C TYR B 69 32.47 -17.36 18.81
N GLN B 70 32.94 -16.58 17.83
CA GLN B 70 32.06 -15.91 16.89
C GLN B 70 32.84 -15.41 15.68
N TYR B 71 32.14 -15.25 14.57
CA TYR B 71 32.67 -14.58 13.40
C TYR B 71 33.10 -13.15 13.74
N VAL B 72 34.22 -12.71 13.19
CA VAL B 72 34.69 -11.35 13.45
C VAL B 72 34.56 -10.51 12.19
N ASP B 73 33.79 -9.44 12.28
CA ASP B 73 33.51 -8.53 11.16
C ASP B 73 34.77 -7.87 10.59
N THR B 74 34.97 -7.97 9.28
CA THR B 74 36.17 -7.43 8.63
C THR B 74 35.83 -6.51 7.47
N LEU B 75 34.58 -6.10 7.37
CA LEU B 75 34.12 -5.30 6.23
C LEU B 75 34.88 -3.99 6.10
N TYR B 76 34.99 -3.24 7.20
CA TYR B 76 35.79 -2.01 7.19
C TYR B 76 36.86 -2.05 8.26
N PRO B 77 37.99 -2.73 7.96
CA PRO B 77 39.07 -2.98 8.93
C PRO B 77 39.63 -1.70 9.54
N GLY B 78 39.72 -1.66 10.87
CA GLY B 78 40.27 -0.50 11.55
C GLY B 78 39.25 0.60 11.77
N PHE B 79 38.12 0.50 11.11
CA PHE B 79 37.08 1.52 11.23
C PHE B 79 36.31 1.37 12.56
N GLU B 80 36.16 2.46 13.30
CA GLU B 80 35.55 2.38 14.63
C GLU B 80 34.13 1.85 14.59
N GLY B 81 33.38 2.24 13.57
CA GLY B 81 31.98 1.90 13.48
C GLY B 81 31.73 0.41 13.46
N THR B 82 32.71 -0.35 12.98
CA THR B 82 32.60 -1.79 13.02
C THR B 82 33.40 -2.41 14.18
N GLU B 83 34.60 -1.91 14.49
CA GLU B 83 35.46 -2.53 15.53
C GLU B 83 34.87 -2.39 16.93
N MET B 84 34.09 -1.34 17.16
CA MET B 84 33.42 -1.20 18.45
C MET B 84 32.48 -2.39 18.77
N TRP B 85 32.12 -3.22 17.77
CA TRP B 85 31.24 -4.38 18.00
C TRP B 85 31.99 -5.71 18.02
N ASN B 86 33.28 -5.67 17.68
CA ASN B 86 34.09 -6.87 17.60
C ASN B 86 34.65 -7.29 18.94
N PRO B 87 34.99 -8.57 19.10
CA PRO B 87 35.53 -9.06 20.39
C PRO B 87 36.71 -8.24 20.89
N ASN B 88 36.71 -7.90 22.17
CA ASN B 88 37.83 -7.18 22.77
C ASN B 88 38.49 -8.01 23.87
N ARG B 89 38.20 -9.31 23.84
CA ARG B 89 38.96 -10.30 24.61
C ARG B 89 39.17 -11.43 23.66
N GLU B 90 40.02 -12.38 24.03
CA GLU B 90 40.27 -13.51 23.17
C GLU B 90 39.00 -14.37 23.06
N LEU B 91 38.88 -15.10 21.96
CA LEU B 91 37.79 -16.05 21.78
C LEU B 91 38.03 -17.36 22.55
N SER B 92 37.00 -17.86 23.22
CA SER B 92 37.08 -19.15 23.85
C SER B 92 35.68 -19.75 24.00
N GLU B 93 35.58 -21.07 23.97
CA GLU B 93 34.33 -21.73 24.33
C GLU B 93 34.11 -21.61 25.84
N ASP B 94 35.20 -21.40 26.58
CA ASP B 94 35.15 -21.11 28.01
C ASP B 94 34.78 -19.63 28.19
N CYS B 95 33.49 -19.30 28.08
CA CYS B 95 33.03 -17.92 28.08
C CYS B 95 31.80 -17.65 28.94
N LEU B 96 31.35 -18.63 29.71
CA LEU B 96 30.10 -18.39 30.44
C LEU B 96 30.39 -17.69 31.77
N TYR B 97 30.57 -16.37 31.68
CA TYR B 97 30.86 -15.52 32.85
C TYR B 97 29.92 -14.34 32.84
N LEU B 98 29.60 -13.82 34.03
CA LEU B 98 28.80 -12.61 34.14
C LEU B 98 29.50 -11.57 34.99
N ASN B 99 28.95 -10.36 34.95
CA ASN B 99 29.54 -9.17 35.57
C ASN B 99 28.53 -8.47 36.44
N VAL B 100 28.93 -8.04 37.62
CA VAL B 100 28.07 -7.23 38.50
C VAL B 100 28.75 -5.92 38.83
N TRP B 101 28.05 -4.82 38.61
CA TRP B 101 28.52 -3.51 39.05
C TRP B 101 27.60 -3.06 40.16
N THR B 102 28.16 -2.50 41.23
CA THR B 102 27.34 -2.11 42.37
C THR B 102 27.96 -0.84 42.95
N PRO B 103 27.15 -0.01 43.63
CA PRO B 103 27.73 1.21 44.21
C PRO B 103 28.78 0.93 45.29
N TYR B 104 29.72 1.86 45.44
CA TYR B 104 30.75 1.80 46.46
C TYR B 104 30.56 2.96 47.44
N PRO B 105 30.20 2.65 48.71
CA PRO B 105 30.08 1.30 49.28
C PRO B 105 28.78 0.59 48.91
N ARG B 106 28.79 -0.72 49.09
CA ARG B 106 27.64 -1.55 48.80
C ARG B 106 26.35 -0.94 49.38
N PRO B 107 25.24 -1.06 48.64
CA PRO B 107 23.98 -0.50 49.15
C PRO B 107 23.58 -1.13 50.47
N THR B 108 22.90 -0.37 51.33
CA THR B 108 22.53 -0.94 52.63
C THR B 108 21.08 -1.43 52.61
N SER B 109 20.26 -0.87 51.72
CA SER B 109 18.93 -1.41 51.46
C SER B 109 18.84 -1.93 50.02
N PRO B 110 18.05 -3.01 49.79
CA PRO B 110 17.93 -3.68 48.48
C PRO B 110 17.68 -2.71 47.31
N THR B 111 18.49 -2.87 46.27
CA THR B 111 18.56 -1.90 45.17
C THR B 111 18.10 -2.55 43.86
N PRO B 112 17.29 -1.82 43.07
CA PRO B 112 16.82 -2.32 41.77
C PRO B 112 17.96 -2.78 40.85
N VAL B 113 17.74 -3.92 40.23
CA VAL B 113 18.76 -4.51 39.37
C VAL B 113 18.42 -4.34 37.89
N LEU B 114 19.36 -3.80 37.12
CA LEU B 114 19.29 -3.83 35.67
C LEU B 114 20.13 -4.99 35.10
N VAL B 115 19.54 -5.82 34.25
CA VAL B 115 20.28 -6.91 33.64
C VAL B 115 20.35 -6.77 32.13
N TRP B 116 21.57 -6.58 31.62
CA TRP B 116 21.80 -6.30 30.20
C TRP B 116 22.02 -7.56 29.41
N ILE B 117 21.36 -7.67 28.27
CA ILE B 117 21.61 -8.75 27.31
C ILE B 117 22.04 -8.18 25.95
N TYR B 118 23.27 -8.45 25.53
CA TYR B 118 23.76 -7.82 24.30
C TYR B 118 23.12 -8.39 23.03
N GLY B 119 23.15 -7.59 21.96
CA GLY B 119 22.74 -8.03 20.63
C GLY B 119 23.92 -8.47 19.79
N GLY B 120 23.69 -8.64 18.48
CA GLY B 120 24.73 -9.14 17.60
C GLY B 120 24.21 -10.32 16.78
N GLY B 121 22.90 -10.31 16.54
CA GLY B 121 22.23 -11.25 15.65
C GLY B 121 22.25 -12.72 16.05
N PHE B 122 22.50 -13.00 17.33
CA PHE B 122 22.71 -14.34 17.86
C PHE B 122 23.96 -15.01 17.25
N TYR B 123 24.75 -14.27 16.47
CA TYR B 123 26.01 -14.84 16.00
C TYR B 123 27.27 -14.15 16.57
N SER B 124 27.07 -13.05 17.29
CA SER B 124 28.19 -12.28 17.81
C SER B 124 27.81 -11.52 19.07
N GLY B 125 28.76 -10.75 19.60
CA GLY B 125 28.51 -9.91 20.76
C GLY B 125 29.25 -10.36 22.00
N ALA B 126 29.30 -9.48 23.01
CA ALA B 126 30.01 -9.80 24.26
C ALA B 126 29.65 -8.78 25.31
N SER B 127 29.68 -9.19 26.58
CA SER B 127 29.30 -8.24 27.63
C SER B 127 30.48 -7.33 27.95
N SER B 128 31.63 -7.60 27.33
CA SER B 128 32.84 -6.87 27.64
C SER B 128 33.08 -5.65 26.73
N LEU B 129 32.23 -5.45 25.73
CA LEU B 129 32.36 -4.29 24.87
C LEU B 129 32.38 -2.97 25.64
N ASP B 130 33.20 -2.00 25.21
CA ASP B 130 33.33 -0.73 25.94
C ASP B 130 32.00 -0.04 26.11
N VAL B 131 31.16 -0.19 25.10
CA VAL B 131 29.92 0.58 25.04
C VAL B 131 28.89 0.02 26.02
N TYR B 132 29.17 -1.15 26.62
CA TYR B 132 28.24 -1.78 27.57
C TYR B 132 28.77 -1.66 29.02
N ASP B 133 29.77 -0.81 29.20
CA ASP B 133 30.39 -0.56 30.50
C ASP B 133 29.34 -0.09 31.48
N GLY B 134 29.05 -0.90 32.50
CA GLY B 134 28.00 -0.55 33.43
C GLY B 134 28.35 0.49 34.51
N ARG B 135 29.58 0.98 34.55
CA ARG B 135 30.02 1.78 35.69
C ARG B 135 29.32 3.15 35.77
N PHE B 136 29.04 3.75 34.61
CA PHE B 136 28.37 5.06 34.56
C PHE B 136 26.91 5.00 35.03
N LEU B 137 26.17 3.97 34.64
CA LEU B 137 24.77 3.83 35.09
C LEU B 137 24.71 3.62 36.58
N VAL B 138 25.62 2.77 37.07
CA VAL B 138 25.60 2.42 38.47
C VAL B 138 25.95 3.64 39.32
N GLN B 139 26.97 4.37 38.94
CA GLN B 139 27.34 5.57 39.66
C GLN B 139 26.19 6.60 39.62
N ALA B 140 25.72 6.93 38.43
CA ALA B 140 24.73 7.99 38.27
C ALA B 140 23.35 7.68 38.87
N GLU B 141 22.94 6.42 38.85
CA GLU B 141 21.55 6.13 39.20
C GLU B 141 21.43 5.19 40.37
N ARG B 142 22.57 4.69 40.88
CA ARG B 142 22.61 3.84 42.05
C ARG B 142 21.69 2.63 41.90
N THR B 143 21.87 1.92 40.81
CA THR B 143 21.22 0.65 40.59
C THR B 143 22.31 -0.40 40.65
N VAL B 144 21.94 -1.67 40.68
CA VAL B 144 22.92 -2.72 40.43
C VAL B 144 22.81 -3.11 38.95
N LEU B 145 23.94 -3.25 38.28
CA LEU B 145 23.91 -3.65 36.88
C LEU B 145 24.57 -5.02 36.69
N VAL B 146 23.86 -5.93 36.05
CA VAL B 146 24.41 -7.24 35.69
C VAL B 146 24.44 -7.44 34.17
N SER B 147 25.53 -8.00 33.64
CA SER B 147 25.50 -8.48 32.23
C SER B 147 26.14 -9.85 32.15
N MET B 148 25.72 -10.66 31.17
CA MET B 148 26.28 -11.99 31.04
C MET B 148 26.75 -12.23 29.61
N ASN B 149 27.75 -13.10 29.47
CA ASN B 149 27.99 -13.70 28.17
C ASN B 149 27.04 -14.88 27.98
N TYR B 150 26.64 -15.14 26.74
CA TYR B 150 25.87 -16.32 26.41
C TYR B 150 26.38 -16.79 25.06
N ARG B 151 26.33 -18.09 24.83
CA ARG B 151 26.89 -18.65 23.61
C ARG B 151 26.14 -18.18 22.38
N VAL B 152 26.87 -17.88 21.31
CA VAL B 152 26.26 -17.40 20.09
C VAL B 152 26.65 -18.36 18.96
N GLY B 153 26.12 -18.13 17.77
CA GLY B 153 26.41 -18.97 16.61
C GLY B 153 26.02 -20.43 16.82
N ALA B 154 26.73 -21.34 16.17
CA ALA B 154 26.42 -22.75 16.32
C ALA B 154 26.51 -23.18 17.78
N PHE B 155 27.48 -22.63 18.51
CA PHE B 155 27.73 -23.03 19.89
C PHE B 155 26.54 -22.75 20.79
N GLY B 156 25.74 -21.76 20.44
CA GLY B 156 24.59 -21.46 21.26
C GLY B 156 23.25 -21.83 20.67
N PHE B 157 23.20 -22.03 19.34
CA PHE B 157 21.91 -22.12 18.66
C PHE B 157 21.85 -23.15 17.55
N LEU B 158 22.91 -23.92 17.35
CA LEU B 158 22.78 -25.05 16.44
C LEU B 158 21.77 -26.00 17.08
N ALA B 159 20.81 -26.46 16.29
CA ALA B 159 19.77 -27.30 16.85
C ALA B 159 19.51 -28.53 15.97
N LEU B 160 19.51 -29.70 16.58
CA LEU B 160 18.94 -30.89 15.94
C LEU B 160 17.76 -31.26 16.81
N PRO B 161 16.60 -30.65 16.52
CA PRO B 161 15.42 -30.71 17.39
C PRO B 161 15.06 -32.16 17.72
N GLY B 162 14.64 -32.41 18.96
CA GLY B 162 14.44 -33.77 19.43
C GLY B 162 15.68 -34.45 20.04
N SER B 163 16.87 -34.15 19.54
CA SER B 163 18.09 -34.78 20.08
C SER B 163 18.42 -34.26 21.48
N ARG B 164 19.13 -35.07 22.26
CA ARG B 164 19.54 -34.59 23.58
C ARG B 164 20.93 -33.98 23.50
N GLU B 165 21.66 -34.29 22.44
CA GLU B 165 23.03 -33.85 22.27
C GLU B 165 23.17 -32.45 21.66
N ALA B 166 22.19 -31.99 20.89
CA ALA B 166 22.15 -30.58 20.45
C ALA B 166 20.73 -30.13 20.30
N PRO B 167 20.05 -29.90 21.44
CA PRO B 167 18.62 -29.56 21.52
C PRO B 167 18.28 -28.17 21.02
N GLY B 168 19.28 -27.32 20.87
CA GLY B 168 19.02 -25.95 20.45
C GLY B 168 18.74 -25.03 21.63
N ASN B 169 18.77 -23.73 21.35
CA ASN B 169 18.45 -22.69 22.31
C ASN B 169 19.35 -22.63 23.56
N VAL B 170 20.53 -23.26 23.53
CA VAL B 170 21.32 -23.33 24.77
C VAL B 170 21.86 -21.92 25.16
N GLY B 171 22.00 -21.05 24.17
CA GLY B 171 22.37 -19.65 24.41
C GLY B 171 21.33 -18.93 25.24
N LEU B 172 20.06 -19.23 24.98
CA LEU B 172 18.97 -18.65 25.77
C LEU B 172 18.98 -19.26 27.16
N LEU B 173 19.31 -20.55 27.23
CA LEU B 173 19.47 -21.20 28.54
C LEU B 173 20.64 -20.61 29.32
N ASP B 174 21.69 -20.21 28.60
CA ASP B 174 22.81 -19.46 29.24
C ASP B 174 22.27 -18.21 29.91
N GLN B 175 21.49 -17.42 29.15
CA GLN B 175 20.87 -16.21 29.70
C GLN B 175 20.00 -16.54 30.89
N ARG B 176 19.13 -17.55 30.76
CA ARG B 176 18.28 -17.95 31.89
C ARG B 176 19.07 -18.37 33.10
N LEU B 177 20.13 -19.16 32.91
CA LEU B 177 20.95 -19.58 34.06
C LEU B 177 21.51 -18.33 34.75
N ALA B 178 21.93 -17.34 33.96
CA ALA B 178 22.45 -16.11 34.57
C ALA B 178 21.36 -15.38 35.35
N LEU B 179 20.13 -15.40 34.84
CA LEU B 179 19.00 -14.80 35.55
C LEU B 179 18.69 -15.53 36.88
N GLN B 180 18.73 -16.86 36.87
CA GLN B 180 18.68 -17.66 38.12
C GLN B 180 19.79 -17.30 39.09
N TRP B 181 21.00 -17.12 38.57
CA TRP B 181 22.12 -16.68 39.39
C TRP B 181 21.82 -15.34 40.06
N VAL B 182 21.17 -14.44 39.34
CA VAL B 182 20.82 -13.12 39.88
C VAL B 182 19.80 -13.26 41.03
N GLN B 183 18.77 -14.08 40.81
CA GLN B 183 17.80 -14.35 41.85
C GLN B 183 18.51 -14.88 43.12
N GLU B 184 19.39 -15.87 42.97
CA GLU B 184 20.03 -16.48 44.12
C GLU B 184 21.11 -15.63 44.79
N ASN B 185 21.71 -14.71 44.05
CA ASN B 185 22.95 -14.12 44.54
C ASN B 185 23.04 -12.60 44.55
N VAL B 186 22.12 -11.90 43.90
CA VAL B 186 22.32 -10.47 43.70
C VAL B 186 22.18 -9.70 45.03
N ALA B 187 21.44 -10.28 45.97
CA ALA B 187 21.25 -9.65 47.28
C ALA B 187 22.59 -9.49 47.99
N ALA B 188 23.52 -10.41 47.71
CA ALA B 188 24.86 -10.36 48.31
C ALA B 188 25.62 -9.12 47.89
N PHE B 189 25.26 -8.55 46.74
CA PHE B 189 25.86 -7.29 46.26
C PHE B 189 24.99 -6.08 46.63
N GLY B 190 23.89 -6.32 47.34
CA GLY B 190 23.00 -5.24 47.72
C GLY B 190 21.87 -5.00 46.73
N GLY B 191 21.73 -5.90 45.76
CA GLY B 191 20.70 -5.80 44.75
C GLY B 191 19.41 -6.46 45.23
N ASP B 192 18.30 -6.06 44.62
CA ASP B 192 16.99 -6.53 45.01
C ASP B 192 16.45 -7.56 44.03
N PRO B 193 16.45 -8.84 44.42
CA PRO B 193 15.93 -9.86 43.50
C PRO B 193 14.44 -9.70 43.20
N THR B 194 13.73 -8.84 43.92
CA THR B 194 12.30 -8.64 43.67
C THR B 194 12.05 -7.48 42.73
N SER B 195 13.13 -6.81 42.33
CA SER B 195 13.04 -5.73 41.34
C SER B 195 14.17 -5.87 40.28
N VAL B 196 13.93 -6.75 39.33
CA VAL B 196 14.89 -7.00 38.27
C VAL B 196 14.34 -6.61 36.89
N THR B 197 15.02 -5.67 36.25
CA THR B 197 14.63 -5.21 34.92
C THR B 197 15.60 -5.70 33.86
N LEU B 198 15.10 -6.48 32.91
CA LEU B 198 15.93 -6.90 31.79
C LEU B 198 16.00 -5.81 30.72
N PHE B 199 17.18 -5.62 30.13
CA PHE B 199 17.18 -4.80 28.94
C PHE B 199 18.19 -5.31 27.95
N GLY B 200 17.91 -5.05 26.68
CA GLY B 200 18.69 -5.63 25.60
C GLY B 200 18.43 -4.88 24.31
N GLU B 201 19.34 -5.00 23.36
CA GLU B 201 19.21 -4.28 22.12
C GLU B 201 19.37 -5.27 20.99
N SER B 202 18.56 -5.13 19.93
CA SER B 202 18.52 -6.07 18.79
C SER B 202 18.28 -7.56 19.18
N ALA B 203 19.19 -8.48 18.84
CA ALA B 203 19.05 -9.87 19.32
C ALA B 203 18.90 -9.97 20.84
N GLY B 204 19.47 -9.00 21.57
CA GLY B 204 19.30 -8.94 23.00
C GLY B 204 17.88 -8.57 23.39
N ALA B 205 17.27 -7.69 22.59
CA ALA B 205 15.88 -7.29 22.82
C ALA B 205 14.97 -8.47 22.48
N ALA B 206 15.26 -9.14 21.37
CA ALA B 206 14.54 -10.36 21.00
C ALA B 206 14.69 -11.43 22.10
N SER B 207 15.88 -11.54 22.73
CA SER B 207 16.06 -12.49 23.84
C SER B 207 15.20 -12.07 25.02
N VAL B 208 15.23 -10.77 25.36
CA VAL B 208 14.40 -10.27 26.45
C VAL B 208 12.94 -10.68 26.22
N GLY B 209 12.45 -10.46 24.99
CA GLY B 209 11.09 -10.81 24.63
C GLY B 209 10.81 -12.31 24.76
N MET B 210 11.74 -13.14 24.32
CA MET B 210 11.60 -14.58 24.51
C MET B 210 11.54 -14.99 25.98
N HIS B 211 12.27 -14.31 26.85
CA HIS B 211 12.15 -14.63 28.26
C HIS B 211 10.75 -14.23 28.75
N LEU B 212 10.20 -13.13 28.24
CA LEU B 212 8.82 -12.76 28.57
C LEU B 212 7.84 -13.88 28.25
N LEU B 213 8.10 -14.58 27.14
CA LEU B 213 7.17 -15.55 26.59
C LEU B 213 7.46 -16.99 26.97
N SER B 214 8.46 -17.19 27.84
CA SER B 214 8.82 -18.54 28.30
C SER B 214 8.60 -18.56 29.81
N PRO B 215 7.58 -19.30 30.26
CA PRO B 215 7.19 -19.24 31.68
C PRO B 215 8.34 -19.53 32.67
N PRO B 216 9.27 -20.45 32.36
CA PRO B 216 10.32 -20.60 33.39
C PRO B 216 11.28 -19.41 33.48
N SER B 217 11.35 -18.54 32.47
CA SER B 217 12.17 -17.31 32.60
C SER B 217 11.36 -16.21 33.26
N ARG B 218 10.08 -16.17 32.91
CA ARG B 218 9.19 -15.05 33.25
C ARG B 218 9.15 -14.84 34.76
N GLY B 219 9.31 -15.92 35.52
CA GLY B 219 9.43 -15.79 36.97
C GLY B 219 10.69 -15.11 37.51
N LEU B 220 11.71 -14.91 36.67
CA LEU B 220 13.00 -14.41 37.18
C LEU B 220 13.21 -12.90 37.04
N PHE B 221 12.20 -12.19 36.53
CA PHE B 221 12.29 -10.74 36.42
C PHE B 221 10.89 -10.12 36.39
N HIS B 222 10.84 -8.78 36.37
CA HIS B 222 9.61 -8.05 36.66
C HIS B 222 9.24 -7.04 35.58
N ARG B 223 10.24 -6.50 34.90
CA ARG B 223 10.07 -5.48 33.86
C ARG B 223 11.03 -5.73 32.72
N ALA B 224 10.74 -5.12 31.59
CA ALA B 224 11.51 -5.39 30.41
C ALA B 224 11.67 -4.16 29.53
N VAL B 225 12.84 -4.07 28.89
CA VAL B 225 13.16 -2.98 27.96
C VAL B 225 13.66 -3.64 26.70
N LEU B 226 13.02 -3.34 25.57
CA LEU B 226 13.40 -3.91 24.28
C LEU B 226 13.84 -2.79 23.37
N GLN B 227 15.13 -2.69 23.10
CA GLN B 227 15.67 -1.63 22.25
C GLN B 227 15.94 -2.16 20.86
N SER B 228 15.24 -1.61 19.86
CA SER B 228 15.45 -2.00 18.46
C SER B 228 15.44 -3.52 18.20
N GLY B 229 14.50 -4.25 18.78
CA GLY B 229 14.44 -5.67 18.50
C GLY B 229 13.23 -6.27 19.19
N ALA B 230 12.78 -7.42 18.70
CA ALA B 230 11.57 -8.04 19.20
C ALA B 230 11.66 -9.52 18.93
N PRO B 231 11.03 -10.35 19.77
CA PRO B 231 11.15 -11.79 19.56
C PRO B 231 10.40 -12.23 18.30
N ASN B 232 9.40 -11.45 17.87
CA ASN B 232 8.67 -11.73 16.65
C ASN B 232 9.37 -11.19 15.38
N GLY B 233 10.54 -10.59 15.53
CA GLY B 233 11.36 -10.25 14.35
C GLY B 233 11.58 -11.45 13.42
N PRO B 234 11.52 -11.23 12.09
CA PRO B 234 11.64 -12.35 11.13
C PRO B 234 13.02 -13.04 11.13
N TRP B 235 14.04 -12.40 11.68
CA TRP B 235 15.41 -12.92 11.74
C TRP B 235 15.66 -13.65 13.06
N ALA B 236 14.69 -13.59 13.96
CA ALA B 236 14.95 -13.91 15.35
C ALA B 236 14.65 -15.36 15.76
N THR B 237 13.84 -16.06 14.99
CA THR B 237 13.55 -17.47 15.27
C THR B 237 13.55 -18.25 13.98
N VAL B 238 13.63 -19.56 14.11
CA VAL B 238 13.64 -20.45 12.96
C VAL B 238 12.78 -21.66 13.35
N GLY B 239 12.17 -22.34 12.38
CA GLY B 239 11.37 -23.52 12.67
C GLY B 239 12.25 -24.77 12.83
N MET B 240 11.67 -25.87 13.33
CA MET B 240 12.48 -27.06 13.64
C MET B 240 13.17 -27.62 12.40
N GLY B 241 12.43 -27.69 11.31
CA GLY B 241 12.96 -28.31 10.13
C GLY B 241 14.08 -27.50 9.50
N GLU B 242 13.89 -26.18 9.45
CA GLU B 242 14.92 -25.33 8.87
C GLU B 242 16.16 -25.36 9.78
N ALA B 243 15.96 -25.43 11.09
CA ALA B 243 17.11 -25.49 12.02
C ALA B 243 17.90 -26.76 11.79
N ARG B 244 17.19 -27.87 11.65
CA ARG B 244 17.85 -29.14 11.40
C ARG B 244 18.58 -29.09 10.06
N ARG B 245 17.98 -28.46 9.07
CA ARG B 245 18.61 -28.37 7.74
C ARG B 245 19.93 -27.62 7.80
N ARG B 246 19.95 -26.53 8.58
CA ARG B 246 21.14 -25.71 8.76
C ARG B 246 22.25 -26.47 9.52
N ALA B 247 21.86 -27.09 10.63
CA ALA B 247 22.75 -27.91 11.43
C ALA B 247 23.38 -28.98 10.58
N THR B 248 22.55 -29.63 9.78
CA THR B 248 22.99 -30.74 8.95
C THR B 248 23.95 -30.25 7.87
N GLN B 249 23.67 -29.09 7.29
N GLN B 249 23.67 -29.09 7.29
CA GLN B 249 24.55 -28.58 6.25
CA GLN B 249 24.55 -28.57 6.24
C GLN B 249 25.91 -28.17 6.84
C GLN B 249 25.90 -28.14 6.83
N LEU B 250 25.89 -27.64 8.06
CA LEU B 250 27.13 -27.23 8.70
C LEU B 250 27.98 -28.47 8.91
N ALA B 251 27.37 -29.51 9.46
CA ALA B 251 28.00 -30.80 9.67
C ALA B 251 28.64 -31.29 8.37
N HIS B 252 27.82 -31.34 7.32
CA HIS B 252 28.28 -31.72 6.00
C HIS B 252 29.52 -30.95 5.56
N LEU B 253 29.45 -29.63 5.64
CA LEU B 253 30.55 -28.78 5.18
C LEU B 253 31.86 -28.94 5.97
N VAL B 254 31.79 -29.44 7.20
CA VAL B 254 33.02 -29.64 7.98
C VAL B 254 33.35 -31.12 8.06
N GLY B 255 32.75 -31.90 7.16
CA GLY B 255 33.05 -33.31 7.06
C GLY B 255 32.32 -34.26 8.00
N CYS B 256 31.15 -33.85 8.49
CA CYS B 256 30.38 -34.73 9.37
C CYS B 256 29.04 -35.11 8.76
N PRO B 257 28.67 -36.40 8.84
CA PRO B 257 29.58 -37.44 9.29
C PRO B 257 30.42 -37.86 8.08
N PRO B 258 31.45 -38.70 8.27
CA PRO B 258 32.23 -39.08 7.09
C PRO B 258 31.56 -40.21 6.30
N THR B 261 25.69 -37.13 4.97
CA THR B 261 24.79 -36.13 5.54
C THR B 261 23.77 -36.77 6.49
N GLY B 262 23.60 -36.18 7.66
CA GLY B 262 22.56 -36.61 8.57
C GLY B 262 22.90 -37.91 9.27
N GLY B 263 21.91 -38.80 9.38
CA GLY B 263 22.07 -40.06 10.10
C GLY B 263 21.74 -39.92 11.58
N ASN B 264 22.28 -40.80 12.41
CA ASN B 264 22.13 -40.73 13.87
C ASN B 264 22.56 -39.35 14.38
N ASP B 265 21.71 -38.72 15.20
CA ASP B 265 22.06 -37.40 15.73
C ASP B 265 23.26 -37.48 16.70
N THR B 266 23.25 -38.47 17.58
CA THR B 266 24.37 -38.71 18.49
C THR B 266 25.71 -38.79 17.75
N GLU B 267 25.76 -39.58 16.69
CA GLU B 267 26.99 -39.69 15.94
C GLU B 267 27.37 -38.37 15.29
N LEU B 268 26.37 -37.66 14.76
CA LEU B 268 26.64 -36.43 14.03
C LEU B 268 27.19 -35.37 14.97
N VAL B 269 26.60 -35.24 16.15
CA VAL B 269 27.04 -34.22 17.08
C VAL B 269 28.43 -34.60 17.61
N ALA B 270 28.65 -35.89 17.88
CA ALA B 270 29.95 -36.35 18.34
C ALA B 270 31.03 -35.95 17.36
N CYS B 271 30.74 -36.07 16.07
CA CYS B 271 31.67 -35.63 15.04
C CYS B 271 31.80 -34.08 15.01
N LEU B 272 30.70 -33.36 15.25
CA LEU B 272 30.81 -31.89 15.30
C LEU B 272 31.67 -31.48 16.50
N ARG B 273 31.63 -32.23 17.59
CA ARG B 273 32.36 -31.88 18.80
C ARG B 273 33.86 -32.08 18.68
N THR B 274 34.32 -32.72 17.61
CA THR B 274 35.76 -32.94 17.41
C THR B 274 36.34 -31.86 16.53
N ARG B 275 35.47 -31.03 15.96
CA ARG B 275 35.98 -29.95 15.13
C ARG B 275 36.45 -28.79 16.00
N PRO B 276 37.60 -28.19 15.64
CA PRO B 276 38.01 -26.96 16.33
C PRO B 276 36.93 -25.89 16.18
N ALA B 277 36.67 -25.16 17.27
CA ALA B 277 35.71 -24.06 17.27
C ALA B 277 35.87 -23.18 16.06
N GLN B 278 37.10 -22.77 15.76
CA GLN B 278 37.31 -21.83 14.66
C GLN B 278 36.82 -22.40 13.33
N VAL B 279 36.91 -23.71 13.16
CA VAL B 279 36.46 -24.36 11.92
C VAL B 279 34.92 -24.23 11.75
N LEU B 280 34.17 -24.42 12.84
CA LEU B 280 32.73 -24.21 12.77
C LEU B 280 32.43 -22.75 12.40
N VAL B 281 33.06 -21.81 13.10
CA VAL B 281 32.88 -20.39 12.80
C VAL B 281 33.12 -20.08 11.34
N ASN B 282 34.21 -20.63 10.79
CA ASN B 282 34.60 -20.30 9.43
C ASN B 282 33.59 -20.77 8.40
N HIS B 283 32.79 -21.77 8.75
CA HIS B 283 31.84 -22.32 7.79
C HIS B 283 30.39 -21.89 8.01
N GLU B 284 30.10 -21.21 9.12
CA GLU B 284 28.70 -20.94 9.45
C GLU B 284 27.99 -20.04 8.43
N TRP B 285 28.71 -19.15 7.74
CA TRP B 285 28.09 -18.31 6.73
C TRP B 285 27.47 -19.12 5.57
N HIS B 286 28.02 -20.31 5.28
CA HIS B 286 27.53 -21.18 4.20
C HIS B 286 26.11 -21.72 4.37
N VAL B 287 25.62 -21.83 5.60
CA VAL B 287 24.38 -22.58 5.78
C VAL B 287 23.10 -21.76 5.52
N LEU B 288 23.23 -20.45 5.23
CA LEU B 288 22.01 -19.67 5.00
C LEU B 288 21.40 -20.04 3.65
N PRO B 289 20.05 -20.16 3.61
CA PRO B 289 19.32 -20.55 2.39
C PRO B 289 19.29 -19.45 1.31
N GLN B 290 19.28 -18.19 1.72
CA GLN B 290 19.35 -17.08 0.78
C GLN B 290 20.46 -16.08 1.15
N GLU B 291 21.06 -15.45 0.13
CA GLU B 291 21.95 -14.32 0.39
C GLU B 291 21.14 -13.19 1.02
N SER B 292 21.69 -12.59 2.07
CA SER B 292 20.94 -11.70 2.94
C SER B 292 21.86 -10.68 3.60
N VAL B 293 21.31 -9.54 4.04
CA VAL B 293 22.11 -8.63 4.86
C VAL B 293 22.04 -8.99 6.37
N PHE B 294 21.13 -9.90 6.72
CA PHE B 294 21.05 -10.47 8.07
C PHE B 294 21.62 -11.89 8.02
N ARG B 295 22.94 -11.92 8.00
CA ARG B 295 23.73 -13.15 8.05
C ARG B 295 23.57 -13.87 9.43
N PHE B 296 22.38 -14.43 9.68
CA PHE B 296 22.11 -15.03 10.98
C PHE B 296 21.87 -16.54 10.87
N SER B 297 22.93 -17.31 10.77
CA SER B 297 22.77 -18.73 10.50
C SER B 297 22.05 -19.50 11.61
N PHE B 298 22.49 -19.34 12.87
CA PHE B 298 21.89 -20.08 13.96
C PHE B 298 21.23 -19.15 14.96
N VAL B 299 19.94 -19.36 15.16
CA VAL B 299 19.12 -18.46 15.97
C VAL B 299 18.16 -19.32 16.79
N PRO B 300 17.45 -18.71 17.76
CA PRO B 300 16.52 -19.53 18.54
C PRO B 300 15.53 -20.30 17.66
N VAL B 301 15.20 -21.50 18.11
CA VAL B 301 14.35 -22.42 17.38
C VAL B 301 13.03 -22.56 18.12
N VAL B 302 11.94 -22.50 17.36
CA VAL B 302 10.61 -22.74 17.91
C VAL B 302 10.36 -24.24 17.90
N ASP B 303 10.33 -24.86 19.07
CA ASP B 303 10.35 -26.32 19.13
C ASP B 303 9.47 -26.89 20.25
N GLY B 304 8.69 -26.02 20.89
CA GLY B 304 7.75 -26.49 21.87
C GLY B 304 8.30 -26.43 23.28
N ASP B 305 9.61 -26.29 23.39
CA ASP B 305 10.25 -26.32 24.70
C ASP B 305 10.42 -24.89 25.22
N PHE B 306 11.55 -24.23 24.93
CA PHE B 306 11.71 -22.86 25.44
C PHE B 306 10.55 -21.95 24.98
N LEU B 307 10.23 -22.05 23.68
CA LEU B 307 9.07 -21.39 23.08
C LEU B 307 8.02 -22.42 22.70
N SER B 308 6.91 -22.45 23.43
CA SER B 308 5.86 -23.44 23.12
C SER B 308 5.15 -23.16 21.78
N ASP B 309 5.28 -21.94 21.27
CA ASP B 309 4.69 -21.58 19.98
C ASP B 309 5.51 -20.43 19.42
N THR B 310 5.19 -19.97 18.21
CA THR B 310 5.92 -18.83 17.66
C THR B 310 5.74 -17.66 18.60
N PRO B 311 6.71 -16.76 18.63
CA PRO B 311 6.54 -15.60 19.52
C PRO B 311 5.30 -14.79 19.10
N GLU B 312 5.05 -14.72 17.80
CA GLU B 312 3.87 -14.02 17.30
C GLU B 312 2.60 -14.57 17.96
N ALA B 313 2.46 -15.89 17.94
CA ALA B 313 1.32 -16.55 18.56
C ALA B 313 1.30 -16.38 20.07
N LEU B 314 2.46 -16.49 20.71
CA LEU B 314 2.53 -16.36 22.17
C LEU B 314 2.15 -14.95 22.60
N ILE B 315 2.61 -13.97 21.82
CA ILE B 315 2.26 -12.59 22.07
C ILE B 315 0.73 -12.42 21.99
N ASN B 316 0.11 -12.88 20.91
CA ASN B 316 -1.33 -12.70 20.69
C ASN B 316 -2.17 -13.36 21.78
N ALA B 317 -1.71 -14.50 22.29
CA ALA B 317 -2.51 -15.28 23.22
C ALA B 317 -2.23 -14.97 24.70
N GLY B 318 -1.35 -14.01 24.96
CA GLY B 318 -0.85 -13.86 26.32
C GLY B 318 -1.58 -12.83 27.16
N ASP B 319 -1.63 -13.10 28.46
CA ASP B 319 -2.12 -12.14 29.44
C ASP B 319 -0.94 -11.40 30.02
N PHE B 320 -0.89 -10.08 29.86
CA PHE B 320 0.30 -9.35 30.29
C PHE B 320 0.01 -8.33 31.37
N HIS B 321 -1.05 -8.58 32.14
CA HIS B 321 -1.40 -7.74 33.26
C HIS B 321 -0.29 -7.80 34.32
N GLY B 322 0.05 -6.65 34.88
CA GLY B 322 1.13 -6.60 35.87
C GLY B 322 2.52 -6.43 35.29
N LEU B 323 2.62 -6.39 33.96
CA LEU B 323 3.89 -6.14 33.29
C LEU B 323 4.05 -4.67 32.87
N GLN B 324 5.25 -4.15 33.04
CA GLN B 324 5.59 -2.88 32.43
C GLN B 324 6.77 -3.11 31.47
N VAL B 325 6.73 -2.43 30.34
CA VAL B 325 7.68 -2.64 29.26
C VAL B 325 8.00 -1.30 28.63
N LEU B 326 9.26 -1.15 28.24
CA LEU B 326 9.73 0.04 27.55
C LEU B 326 10.36 -0.44 26.24
N VAL B 327 9.96 0.17 25.13
CA VAL B 327 10.36 -0.30 23.80
C VAL B 327 10.69 0.87 22.92
N GLY B 328 11.57 0.66 21.96
CA GLY B 328 11.83 1.74 21.04
C GLY B 328 12.78 1.35 19.95
N VAL B 329 13.08 2.33 19.11
CA VAL B 329 13.85 2.12 17.90
C VAL B 329 14.69 3.36 17.72
N VAL B 330 15.74 3.27 16.91
CA VAL B 330 16.43 4.47 16.48
C VAL B 330 15.75 5.00 15.21
N LYS B 331 16.11 6.20 14.83
CA LYS B 331 15.47 6.87 13.72
C LYS B 331 15.72 6.17 12.37
N ASP B 332 16.92 5.64 12.15
CA ASP B 332 17.21 4.98 10.87
C ASP B 332 17.71 3.55 11.04
N GLU B 333 16.78 2.65 11.36
CA GLU B 333 17.11 1.28 11.68
C GLU B 333 17.72 0.53 10.51
N GLY B 334 17.34 0.90 9.28
CA GLY B 334 17.73 0.10 8.14
C GLY B 334 19.09 0.39 7.54
N SER B 335 19.57 1.62 7.68
CA SER B 335 20.76 2.11 6.96
C SER B 335 22.04 1.31 7.25
N TYR B 336 22.29 1.03 8.52
CA TYR B 336 23.46 0.27 8.94
C TYR B 336 23.55 -1.07 8.23
N PHE B 337 22.45 -1.79 8.12
CA PHE B 337 22.49 -3.11 7.49
C PHE B 337 22.78 -3.10 5.99
N LEU B 338 22.46 -1.99 5.31
CA LEU B 338 22.54 -1.94 3.86
C LEU B 338 23.98 -1.98 3.34
N VAL B 339 24.91 -1.38 4.08
CA VAL B 339 26.32 -1.41 3.66
C VAL B 339 26.96 -2.78 3.81
N TYR B 340 26.24 -3.71 4.43
CA TYR B 340 26.71 -5.08 4.54
C TYR B 340 26.19 -5.97 3.43
N GLY B 341 26.10 -5.44 2.22
CA GLY B 341 25.79 -6.32 1.10
C GLY B 341 24.76 -5.88 0.10
N ALA B 342 23.94 -4.89 0.43
CA ALA B 342 22.96 -4.40 -0.54
C ALA B 342 23.73 -3.76 -1.70
N PRO B 343 23.37 -4.13 -2.94
CA PRO B 343 24.08 -3.63 -4.12
C PRO B 343 24.01 -2.11 -4.23
N GLY B 344 25.16 -1.47 -4.40
CA GLY B 344 25.22 -0.04 -4.56
C GLY B 344 25.58 0.70 -3.29
N PHE B 345 25.66 0.01 -2.17
CA PHE B 345 25.85 0.67 -0.88
C PHE B 345 27.31 0.66 -0.39
N SER B 346 27.68 1.76 0.26
CA SER B 346 28.98 1.86 0.92
C SER B 346 28.94 2.99 1.95
N LYS B 347 29.64 2.80 3.06
CA LYS B 347 29.75 3.89 4.01
C LYS B 347 30.58 5.02 3.40
N ASP B 348 31.37 4.68 2.38
CA ASP B 348 32.33 5.64 1.82
C ASP B 348 31.84 6.47 0.63
N ASN B 349 30.62 6.23 0.15
CA ASN B 349 29.99 7.16 -0.79
C ASN B 349 28.54 7.42 -0.39
N GLU B 350 27.78 8.05 -1.28
CA GLU B 350 26.45 8.50 -0.90
C GLU B 350 25.42 7.39 -1.10
N SER B 351 25.84 6.29 -1.72
CA SER B 351 24.96 5.13 -1.91
C SER B 351 23.69 5.50 -2.67
N LEU B 352 23.81 6.41 -3.64
CA LEU B 352 22.72 6.80 -4.52
C LEU B 352 22.44 5.69 -5.53
N ILE B 353 21.54 4.78 -5.19
CA ILE B 353 21.31 3.57 -5.98
C ILE B 353 20.31 3.74 -7.11
N SER B 354 20.39 2.83 -8.07
CA SER B 354 19.45 2.77 -9.18
C SER B 354 18.19 2.00 -8.78
N ARG B 355 17.20 2.02 -9.67
CA ARG B 355 15.97 1.31 -9.45
C ARG B 355 16.21 -0.18 -9.46
N ALA B 356 17.09 -0.63 -10.36
CA ALA B 356 17.39 -2.05 -10.42
C ALA B 356 18.13 -2.48 -9.14
N GLU B 357 18.93 -1.59 -8.58
CA GLU B 357 19.62 -1.88 -7.33
C GLU B 357 18.63 -1.90 -6.16
N PHE B 358 17.64 -1.01 -6.19
CA PHE B 358 16.56 -0.99 -5.21
C PHE B 358 15.81 -2.30 -5.24
N LEU B 359 15.36 -2.71 -6.43
CA LEU B 359 14.66 -3.99 -6.59
C LEU B 359 15.47 -5.15 -6.05
N ALA B 360 16.77 -5.13 -6.30
CA ALA B 360 17.64 -6.22 -5.84
C ALA B 360 17.85 -6.13 -4.33
N GLY B 361 17.97 -4.91 -3.83
CA GLY B 361 18.06 -4.69 -2.40
C GLY B 361 16.86 -5.23 -1.63
N VAL B 362 15.67 -5.16 -2.22
CA VAL B 362 14.47 -5.59 -1.53
C VAL B 362 14.57 -7.09 -1.20
N ARG B 363 15.10 -7.85 -2.15
CA ARG B 363 15.23 -9.32 -2.02
C ARG B 363 16.24 -9.70 -0.94
N VAL B 364 17.30 -8.92 -0.83
CA VAL B 364 18.34 -9.26 0.13
C VAL B 364 17.97 -8.69 1.51
N GLY B 365 17.18 -7.63 1.55
CA GLY B 365 16.76 -7.03 2.82
C GLY B 365 15.47 -7.62 3.39
N VAL B 366 14.74 -8.31 2.53
CA VAL B 366 13.53 -9.03 2.90
C VAL B 366 13.66 -10.44 2.34
N PRO B 367 14.58 -11.23 2.91
CA PRO B 367 14.81 -12.56 2.35
C PRO B 367 13.66 -13.52 2.68
N GLN B 368 13.54 -14.54 1.85
CA GLN B 368 12.59 -15.62 2.08
C GLN B 368 11.10 -15.24 1.96
N VAL B 369 10.78 -14.18 1.20
CA VAL B 369 9.38 -13.96 0.82
C VAL B 369 9.19 -14.24 -0.66
N SER B 370 7.96 -14.61 -1.04
CA SER B 370 7.63 -14.93 -2.43
C SER B 370 7.71 -13.70 -3.35
N ASP B 371 7.69 -13.95 -4.66
CA ASP B 371 7.78 -12.88 -5.65
C ASP B 371 6.62 -11.91 -5.52
N LEU B 372 5.44 -12.48 -5.26
CA LEU B 372 4.27 -11.68 -5.05
C LEU B 372 4.48 -10.73 -3.87
N ALA B 373 5.06 -11.25 -2.79
CA ALA B 373 5.32 -10.44 -1.60
C ALA B 373 6.31 -9.33 -1.90
N ALA B 374 7.37 -9.67 -2.62
CA ALA B 374 8.37 -8.69 -3.00
C ALA B 374 7.73 -7.59 -3.86
N GLU B 375 6.83 -7.99 -4.78
CA GLU B 375 6.08 -7.03 -5.59
C GLU B 375 5.31 -6.08 -4.72
N ALA B 376 4.60 -6.62 -3.74
CA ALA B 376 3.87 -5.78 -2.81
C ALA B 376 4.81 -4.80 -2.10
N VAL B 377 6.04 -5.24 -1.79
CA VAL B 377 6.97 -4.36 -1.08
C VAL B 377 7.40 -3.20 -1.99
N VAL B 378 7.82 -3.53 -3.20
CA VAL B 378 8.13 -2.51 -4.20
C VAL B 378 6.98 -1.52 -4.45
N LEU B 379 5.75 -2.02 -4.52
CA LEU B 379 4.57 -1.16 -4.69
C LEU B 379 4.45 -0.15 -3.60
N HIS B 380 4.47 -0.62 -2.35
N HIS B 380 4.47 -0.64 -2.36
CA HIS B 380 4.21 0.25 -1.22
CA HIS B 380 4.23 0.18 -1.20
C HIS B 380 5.37 1.23 -0.96
C HIS B 380 5.35 1.22 -1.02
N TYR B 381 6.59 0.85 -1.34
CA TYR B 381 7.73 1.72 -1.08
C TYR B 381 8.22 2.58 -2.26
N THR B 382 7.64 2.41 -3.43
CA THR B 382 7.93 3.30 -4.55
C THR B 382 7.12 4.57 -4.47
N ASP B 383 7.77 5.71 -4.65
CA ASP B 383 7.02 6.94 -4.86
C ASP B 383 6.73 7.00 -6.35
N TRP B 384 5.48 6.84 -6.76
CA TRP B 384 5.22 6.66 -8.18
C TRP B 384 5.24 7.97 -8.97
N LEU B 385 5.45 9.08 -8.28
CA LEU B 385 5.75 10.34 -8.96
C LEU B 385 7.26 10.51 -9.15
N HIS B 386 8.05 9.71 -8.42
CA HIS B 386 9.49 9.76 -8.58
C HIS B 386 10.09 8.37 -8.51
N PRO B 387 9.73 7.51 -9.46
CA PRO B 387 10.09 6.10 -9.25
C PRO B 387 11.58 5.76 -9.32
N GLU B 388 12.40 6.68 -9.80
CA GLU B 388 13.82 6.36 -10.04
C GLU B 388 14.79 7.35 -9.43
N ASP B 389 14.31 8.24 -8.56
CA ASP B 389 15.20 9.17 -7.89
C ASP B 389 16.12 8.42 -6.90
N PRO B 390 17.44 8.37 -7.21
CA PRO B 390 18.41 7.59 -6.41
C PRO B 390 18.35 7.89 -4.90
N ALA B 391 18.32 9.15 -4.49
CA ALA B 391 18.24 9.51 -3.08
C ALA B 391 17.00 8.93 -2.40
N ARG B 392 15.86 9.05 -3.08
CA ARG B 392 14.60 8.54 -2.54
C ARG B 392 14.61 7.02 -2.47
N LEU B 393 15.25 6.39 -3.44
CA LEU B 393 15.32 4.94 -3.49
C LEU B 393 16.21 4.42 -2.36
N ARG B 394 17.29 5.16 -2.08
CA ARG B 394 18.18 4.82 -0.97
C ARG B 394 17.40 4.87 0.35
N GLU B 395 16.72 5.99 0.56
CA GLU B 395 15.88 6.19 1.74
C GLU B 395 14.80 5.09 1.87
N ALA B 396 14.18 4.73 0.74
CA ALA B 396 13.07 3.78 0.77
C ALA B 396 13.56 2.39 1.11
N LEU B 397 14.69 1.99 0.53
CA LEU B 397 15.27 0.70 0.84
C LEU B 397 15.67 0.64 2.32
N SER B 398 16.18 1.74 2.85
CA SER B 398 16.51 1.80 4.26
C SER B 398 15.24 1.62 5.12
N ASP B 399 14.14 2.22 4.68
CA ASP B 399 12.87 2.08 5.37
C ASP B 399 12.36 0.64 5.28
N VAL B 400 12.48 0.03 4.10
CA VAL B 400 12.09 -1.36 3.90
C VAL B 400 12.78 -2.30 4.93
N VAL B 401 14.10 -2.21 4.97
CA VAL B 401 14.89 -3.09 5.82
C VAL B 401 14.58 -2.82 7.29
N GLY B 402 14.58 -1.54 7.67
CA GLY B 402 14.29 -1.17 9.03
C GLY B 402 12.89 -1.54 9.49
N ASP B 403 11.89 -1.30 8.63
CA ASP B 403 10.49 -1.55 8.99
C ASP B 403 10.24 -3.04 9.19
N HIS B 404 10.68 -3.83 8.21
CA HIS B 404 10.50 -5.28 8.19
C HIS B 404 11.21 -5.98 9.35
N ASN B 405 12.42 -5.54 9.65
CA ASN B 405 13.25 -6.28 10.63
C ASN B 405 13.19 -5.74 12.05
N VAL B 406 12.85 -4.46 12.23
CA VAL B 406 12.89 -3.89 13.56
C VAL B 406 11.63 -3.10 13.94
N VAL B 407 11.29 -2.05 13.20
CA VAL B 407 10.23 -1.15 13.68
C VAL B 407 8.89 -1.88 13.76
N CYS B 408 8.50 -2.59 12.70
CA CYS B 408 7.15 -3.19 12.70
C CYS B 408 7.02 -4.36 13.66
N PRO B 409 8.07 -5.21 13.79
CA PRO B 409 7.97 -6.17 14.90
C PRO B 409 7.86 -5.53 16.28
N VAL B 410 8.59 -4.45 16.54
CA VAL B 410 8.46 -3.75 17.82
C VAL B 410 7.06 -3.13 17.96
N ALA B 411 6.57 -2.48 16.90
CA ALA B 411 5.24 -1.84 16.96
C ALA B 411 4.18 -2.89 17.26
N GLN B 412 4.29 -4.04 16.60
CA GLN B 412 3.33 -5.09 16.82
C GLN B 412 3.39 -5.63 18.26
N LEU B 413 4.60 -5.89 18.76
CA LEU B 413 4.79 -6.30 20.16
C LEU B 413 4.18 -5.28 21.09
N ALA B 414 4.46 -4.01 20.84
CA ALA B 414 3.99 -2.92 21.68
C ALA B 414 2.46 -2.83 21.73
N GLY B 415 1.83 -2.91 20.56
CA GLY B 415 0.39 -2.78 20.49
C GLY B 415 -0.33 -3.93 21.16
N ARG B 416 0.13 -5.15 20.89
CA ARG B 416 -0.48 -6.32 21.51
C ARG B 416 -0.29 -6.36 23.03
N LEU B 417 0.90 -6.01 23.52
CA LEU B 417 1.13 -6.03 24.96
C LEU B 417 0.22 -5.01 25.64
N ALA B 418 0.22 -3.79 25.12
CA ALA B 418 -0.65 -2.75 25.63
C ALA B 418 -2.11 -3.21 25.67
N ALA B 419 -2.58 -3.81 24.57
CA ALA B 419 -4.00 -4.17 24.46
C ALA B 419 -4.33 -5.32 25.37
N GLN B 420 -3.30 -6.09 25.73
CA GLN B 420 -3.55 -7.26 26.54
C GLN B 420 -3.03 -7.16 27.96
N GLY B 421 -2.94 -5.94 28.45
CA GLY B 421 -2.79 -5.74 29.88
C GLY B 421 -1.54 -5.07 30.38
N ALA B 422 -0.52 -4.95 29.54
CA ALA B 422 0.75 -4.38 29.98
C ALA B 422 0.73 -2.85 29.94
N ARG B 423 1.49 -2.20 30.83
CA ARG B 423 1.81 -0.78 30.65
C ARG B 423 3.06 -0.66 29.77
N VAL B 424 2.93 0.07 28.67
CA VAL B 424 3.98 0.13 27.67
C VAL B 424 4.42 1.56 27.44
N TYR B 425 5.73 1.78 27.32
CA TYR B 425 6.25 3.10 26.98
C TYR B 425 7.07 2.94 25.71
N ALA B 426 6.96 3.87 24.77
CA ALA B 426 7.67 3.72 23.52
C ALA B 426 8.44 4.96 23.17
N TYR B 427 9.59 4.81 22.51
CA TYR B 427 10.42 5.96 22.14
C TYR B 427 10.95 5.80 20.73
N VAL B 428 11.40 6.89 20.13
CA VAL B 428 12.25 6.85 18.95
C VAL B 428 13.47 7.68 19.29
N PHE B 429 14.65 7.09 19.10
CA PHE B 429 15.91 7.74 19.42
C PHE B 429 16.39 8.52 18.22
N GLU B 430 16.47 9.83 18.35
CA GLU B 430 16.69 10.67 17.16
C GLU B 430 17.95 11.50 17.18
N HIS B 431 18.88 11.22 18.08
CA HIS B 431 20.09 12.04 18.14
C HIS B 431 21.26 11.40 17.43
N ARG B 432 21.87 12.15 16.53
CA ARG B 432 23.08 11.66 15.87
C ARG B 432 24.29 12.13 16.67
N ALA B 433 25.03 11.16 17.23
CA ALA B 433 26.22 11.46 18.03
C ALA B 433 27.20 12.36 17.29
N SER B 434 27.69 13.40 17.97
CA SER B 434 28.74 14.27 17.42
C SER B 434 29.98 13.47 17.09
N THR B 435 30.12 12.32 17.73
CA THR B 435 31.27 11.44 17.55
C THR B 435 31.07 10.34 16.49
N LEU B 436 29.87 10.28 15.92
CA LEU B 436 29.54 9.19 14.99
C LEU B 436 30.47 9.15 13.78
N SER B 437 31.02 7.97 13.51
CA SER B 437 31.97 7.78 12.41
C SER B 437 31.35 7.27 11.10
N TRP B 438 30.07 6.87 11.12
CA TRP B 438 29.34 6.52 9.87
C TRP B 438 28.97 7.80 9.15
N PRO B 439 28.79 7.71 7.82
CA PRO B 439 28.45 8.93 7.05
C PRO B 439 27.08 9.49 7.41
N LEU B 440 26.85 10.70 6.94
CA LEU B 440 25.70 11.47 7.36
C LEU B 440 24.39 10.92 6.80
N TRP B 441 24.45 10.24 5.65
CA TRP B 441 23.22 9.76 5.02
C TRP B 441 22.60 8.63 5.85
N MET B 442 23.42 7.91 6.63
CA MET B 442 22.90 6.84 7.48
C MET B 442 22.03 7.35 8.63
N GLY B 443 22.09 8.65 8.91
CA GLY B 443 21.25 9.23 9.95
C GLY B 443 21.63 8.71 11.33
N VAL B 444 20.63 8.31 12.10
CA VAL B 444 20.90 7.69 13.40
C VAL B 444 20.78 6.16 13.26
N PRO B 445 21.92 5.46 13.15
CA PRO B 445 21.85 4.03 12.78
C PRO B 445 21.56 3.11 13.94
N HIS B 446 21.17 1.90 13.58
CA HIS B 446 20.95 0.83 14.53
C HIS B 446 22.13 0.70 15.51
N GLY B 447 21.83 0.63 16.81
CA GLY B 447 22.85 0.38 17.82
C GLY B 447 23.42 1.65 18.48
N TYR B 448 23.08 2.84 17.98
CA TYR B 448 23.83 4.02 18.41
C TYR B 448 23.10 4.83 19.45
N GLU B 449 22.02 4.29 19.97
CA GLU B 449 21.46 4.81 21.20
C GLU B 449 22.16 4.20 22.44
N ILE B 450 22.83 3.07 22.27
CA ILE B 450 23.28 2.27 23.43
C ILE B 450 24.28 3.06 24.27
N GLU B 451 25.29 3.62 23.62
CA GLU B 451 26.28 4.45 24.27
C GLU B 451 25.69 5.57 25.15
N PHE B 452 24.53 6.10 24.78
CA PHE B 452 23.90 7.12 25.61
C PHE B 452 23.19 6.54 26.81
N ILE B 453 22.57 5.38 26.62
CA ILE B 453 21.86 4.71 27.69
C ILE B 453 22.86 4.27 28.80
N PHE B 454 24.06 3.85 28.38
CA PHE B 454 25.05 3.42 29.35
C PHE B 454 25.87 4.60 29.88
N GLY B 455 25.61 5.82 29.39
CA GLY B 455 26.27 7.00 29.93
C GLY B 455 27.71 7.16 29.47
N ILE B 456 28.04 6.49 28.38
CA ILE B 456 29.41 6.52 27.84
C ILE B 456 29.95 7.95 27.57
N PRO B 457 29.08 8.92 27.19
CA PRO B 457 29.65 10.26 27.03
C PRO B 457 30.31 10.87 28.28
N LEU B 458 30.00 10.34 29.47
CA LEU B 458 30.61 10.84 30.70
C LEU B 458 32.08 10.37 30.87
N ASP B 459 32.50 9.43 30.04
CA ASP B 459 33.91 8.99 30.04
C ASP B 459 34.83 10.14 29.60
N PRO B 460 35.71 10.58 30.52
CA PRO B 460 36.54 11.76 30.24
C PRO B 460 37.45 11.57 29.03
N SER B 461 37.82 10.32 28.72
CA SER B 461 38.71 10.08 27.58
C SER B 461 37.99 10.25 26.26
N ARG B 462 36.67 10.35 26.30
CA ARG B 462 35.93 10.53 25.06
C ARG B 462 35.59 12.00 24.84
N ASN B 463 35.16 12.34 23.63
CA ASN B 463 35.02 13.73 23.25
C ASN B 463 33.61 14.13 22.86
N TYR B 464 32.63 13.71 23.67
CA TYR B 464 31.26 14.18 23.45
C TYR B 464 31.09 15.63 23.91
N THR B 465 30.05 16.29 23.42
CA THR B 465 29.77 17.65 23.86
C THR B 465 29.13 17.62 25.23
N ALA B 466 29.17 18.76 25.92
CA ALA B 466 28.51 18.93 27.20
C ALA B 466 27.01 18.63 27.13
N GLU B 467 26.37 19.05 26.04
CA GLU B 467 24.93 18.82 25.87
C GLU B 467 24.62 17.34 25.76
N GLU B 468 25.50 16.63 25.06
CA GLU B 468 25.38 15.17 24.97
C GLU B 468 25.57 14.49 26.33
N LYS B 469 26.43 15.04 27.19
CA LYS B 469 26.60 14.50 28.55
C LYS B 469 25.30 14.68 29.33
N ILE B 470 24.66 15.82 29.16
CA ILE B 470 23.38 16.10 29.83
C ILE B 470 22.29 15.15 29.29
N PHE B 471 22.27 14.99 27.98
CA PHE B 471 21.35 14.09 27.31
C PHE B 471 21.53 12.66 27.82
N ALA B 472 22.78 12.19 27.80
CA ALA B 472 23.11 10.88 28.43
C ALA B 472 22.53 10.74 29.82
N GLN B 473 22.68 11.78 30.65
CA GLN B 473 22.15 11.71 32.02
C GLN B 473 20.62 11.62 32.04
N ARG B 474 19.95 12.32 31.13
CA ARG B 474 18.49 12.20 31.00
C ARG B 474 18.06 10.77 30.71
N LEU B 475 18.71 10.15 29.72
CA LEU B 475 18.33 8.79 29.35
C LEU B 475 18.58 7.78 30.48
N MET B 476 19.76 7.84 31.09
CA MET B 476 20.04 6.99 32.24
C MET B 476 18.94 7.16 33.30
N ARG B 477 18.49 8.40 33.49
CA ARG B 477 17.42 8.66 34.46
C ARG B 477 16.09 7.98 34.08
N TYR B 478 15.69 8.09 32.80
CA TYR B 478 14.45 7.44 32.31
C TYR B 478 14.51 5.93 32.49
N TRP B 479 15.62 5.33 32.04
CA TRP B 479 15.81 3.89 32.18
C TRP B 479 15.78 3.44 33.64
N ALA B 480 16.45 4.17 34.52
CA ALA B 480 16.51 3.74 35.92
C ALA B 480 15.19 4.08 36.63
N ASN B 481 14.54 5.18 36.25
CA ASN B 481 13.18 5.44 36.75
C ASN B 481 12.28 4.26 36.38
N PHE B 482 12.35 3.84 35.12
CA PHE B 482 11.56 2.71 34.67
C PHE B 482 11.90 1.44 35.47
N ALA B 483 13.18 1.13 35.61
CA ALA B 483 13.62 -0.02 36.42
C ALA B 483 13.07 0.05 37.86
N ARG B 484 13.16 1.22 38.47
CA ARG B 484 12.68 1.39 39.84
C ARG B 484 11.16 1.31 39.95
N THR B 485 10.44 1.98 39.04
CA THR B 485 9.01 2.18 39.26
C THR B 485 8.08 1.65 38.18
N GLY B 486 8.65 1.20 37.05
CA GLY B 486 7.84 0.73 35.92
C GLY B 486 7.32 1.90 35.11
N ASP B 487 7.85 3.08 35.40
CA ASP B 487 7.41 4.30 34.76
C ASP B 487 8.63 5.19 34.64
N PRO B 488 8.99 5.59 33.42
CA PRO B 488 10.20 6.40 33.18
C PRO B 488 10.08 7.85 33.62
N ASN B 489 8.86 8.30 33.91
CA ASN B 489 8.67 9.70 34.27
C ASN B 489 9.17 10.03 35.66
N GLU B 490 9.73 11.23 35.77
CA GLU B 490 10.28 11.72 37.02
C GLU B 490 9.21 11.73 38.11
N PRO B 491 9.34 10.81 39.09
CA PRO B 491 8.33 10.78 40.15
C PRO B 491 8.38 12.09 40.90
N ARG B 492 7.26 12.82 40.96
CA ARG B 492 7.11 14.11 41.65
C ARG B 492 7.64 15.34 40.88
N ASP B 493 8.12 15.16 39.64
CA ASP B 493 8.49 16.32 38.81
C ASP B 493 7.36 16.63 37.81
N PRO B 494 6.80 17.86 37.90
CA PRO B 494 5.63 18.24 37.10
C PRO B 494 5.91 19.18 35.90
N LYS B 495 6.86 20.11 36.01
CA LYS B 495 7.13 21.04 34.91
C LYS B 495 7.94 20.37 33.80
N ALA B 496 8.41 19.15 34.06
CA ALA B 496 9.03 18.31 33.03
C ALA B 496 7.97 17.72 32.10
N PRO B 497 8.24 17.74 30.78
CA PRO B 497 7.33 17.13 29.80
C PRO B 497 7.15 15.66 30.13
N GLN B 498 5.92 15.17 30.04
CA GLN B 498 5.61 13.83 30.46
C GLN B 498 5.61 12.82 29.31
N TRP B 499 6.04 11.61 29.63
CA TRP B 499 6.05 10.51 28.69
C TRP B 499 4.79 9.66 28.90
N PRO B 500 3.84 9.75 27.96
CA PRO B 500 2.58 9.01 28.10
C PRO B 500 2.76 7.57 27.71
N PRO B 501 1.97 6.65 28.28
CA PRO B 501 2.00 5.26 27.84
C PRO B 501 1.61 5.09 26.37
N TYR B 502 2.16 4.06 25.75
CA TYR B 502 1.80 3.64 24.42
C TYR B 502 0.57 2.74 24.49
N THR B 503 -0.42 3.01 23.63
CA THR B 503 -1.62 2.19 23.56
C THR B 503 -1.91 1.84 22.11
N ALA B 504 -2.70 0.80 21.86
CA ALA B 504 -2.95 0.34 20.50
C ALA B 504 -3.70 1.39 19.66
N GLY B 505 -4.58 2.16 20.27
CA GLY B 505 -5.26 3.25 19.58
C GLY B 505 -4.46 4.53 19.38
N ALA B 506 -4.14 5.24 20.46
CA ALA B 506 -3.43 6.51 20.30
C ALA B 506 -1.97 6.32 19.84
N GLN B 507 -1.38 5.15 20.13
CA GLN B 507 -0.03 4.84 19.66
C GLN B 507 0.99 5.95 19.95
N GLN B 508 0.93 6.56 21.12
CA GLN B 508 1.83 7.66 21.43
C GLN B 508 3.24 7.20 21.83
N TYR B 509 4.25 7.92 21.39
CA TYR B 509 5.63 7.64 21.78
C TYR B 509 6.33 8.98 21.88
N VAL B 510 7.53 8.99 22.46
CA VAL B 510 8.32 10.23 22.51
C VAL B 510 9.59 10.16 21.70
N SER B 511 10.07 11.31 21.25
CA SER B 511 11.35 11.40 20.58
C SER B 511 12.43 11.70 21.63
N LEU B 512 13.50 10.92 21.61
CA LEU B 512 14.64 11.14 22.50
C LEU B 512 15.72 11.84 21.72
N ASP B 513 15.98 13.11 22.03
CA ASP B 513 17.07 13.84 21.41
C ASP B 513 17.48 14.99 22.35
N LEU B 514 18.23 15.97 21.87
CA LEU B 514 18.71 17.05 22.73
C LEU B 514 17.59 17.97 23.25
N ARG B 515 16.50 18.06 22.50
CA ARG B 515 15.34 18.86 22.84
C ARG B 515 14.52 18.14 23.89
N PRO B 516 13.57 18.84 24.55
CA PRO B 516 12.68 18.15 25.49
C PRO B 516 11.81 17.11 24.80
N LEU B 517 11.25 16.18 25.57
CA LEU B 517 10.35 15.16 25.00
C LEU B 517 9.27 15.79 24.14
N GLU B 518 9.14 15.27 22.92
CA GLU B 518 8.02 15.62 22.07
C GLU B 518 7.16 14.37 21.91
N VAL B 519 5.85 14.48 22.16
CA VAL B 519 4.95 13.35 22.01
C VAL B 519 4.45 13.27 20.57
N ARG B 520 4.53 12.08 19.97
CA ARG B 520 4.06 11.87 18.60
C ARG B 520 3.23 10.61 18.52
N ARG B 521 2.60 10.38 17.37
CA ARG B 521 1.68 9.26 17.21
C ARG B 521 2.13 8.34 16.10
N GLY B 522 2.10 7.05 16.43
CA GLY B 522 2.29 5.99 15.45
C GLY B 522 3.73 5.66 15.14
N LEU B 523 4.10 4.41 15.39
CA LEU B 523 5.43 3.91 15.01
C LEU B 523 5.43 3.41 13.57
N ARG B 524 5.70 4.30 12.61
CA ARG B 524 5.57 3.96 11.18
C ARG B 524 4.24 3.20 10.92
N ALA B 525 3.14 3.77 11.44
CA ALA B 525 1.85 3.10 11.45
C ALA B 525 1.36 2.68 10.06
N GLN B 526 1.45 3.56 9.05
CA GLN B 526 1.04 3.16 7.69
C GLN B 526 1.93 2.07 7.18
N ALA B 527 3.24 2.24 7.33
CA ALA B 527 4.16 1.20 6.85
C ALA B 527 3.90 -0.11 7.55
N CYS B 528 3.79 -0.08 8.88
CA CYS B 528 3.70 -1.33 9.62
C CYS B 528 2.35 -2.03 9.47
N ALA B 529 1.31 -1.30 9.05
CA ALA B 529 0.05 -1.96 8.69
C ALA B 529 0.31 -2.90 7.53
N PHE B 530 1.17 -2.50 6.61
CA PHE B 530 1.53 -3.40 5.54
C PHE B 530 2.22 -4.66 6.08
N TRP B 531 3.24 -4.48 6.92
CA TRP B 531 4.00 -5.64 7.39
C TRP B 531 3.20 -6.50 8.37
N ASN B 532 2.40 -5.85 9.21
CA ASN B 532 1.77 -6.59 10.31
C ASN B 532 0.35 -7.10 10.01
N ARG B 533 -0.38 -6.38 9.17
CA ARG B 533 -1.76 -6.77 8.88
C ARG B 533 -1.95 -7.46 7.53
N PHE B 534 -1.47 -6.87 6.44
CA PHE B 534 -1.67 -7.47 5.12
C PHE B 534 -0.75 -8.65 4.77
N LEU B 535 0.56 -8.39 4.77
CA LEU B 535 1.51 -9.37 4.26
C LEU B 535 1.35 -10.79 4.80
N PRO B 536 0.94 -10.95 6.09
CA PRO B 536 0.80 -12.37 6.48
C PRO B 536 -0.40 -13.06 5.82
N LYS B 537 -1.42 -12.29 5.44
CA LYS B 537 -2.59 -12.85 4.77
C LYS B 537 -2.23 -13.35 3.38
N LEU B 538 -1.26 -12.65 2.78
CA LEU B 538 -0.73 -13.03 1.48
C LEU B 538 0.09 -14.31 1.56
N LEU B 539 0.65 -14.60 2.73
CA LEU B 539 1.36 -15.88 2.95
C LEU B 539 0.40 -17.08 2.88
N SER B 540 -0.75 -16.93 3.52
CA SER B 540 -1.78 -17.99 3.55
C SER B 540 -2.40 -18.32 2.17
N ALA B 541 -2.55 -17.31 1.30
CA ALA B 541 -3.17 -17.52 0.00
C ALA B 541 -2.15 -17.67 -1.12
C1 NAG C . -28.17 8.28 6.57
C2 NAG C . -28.13 7.66 7.97
C3 NAG C . -27.96 6.15 7.86
C4 NAG C . -29.01 5.55 6.93
C5 NAG C . -29.00 6.29 5.59
C6 NAG C . -30.09 5.84 4.64
C7 NAG C . -27.26 8.67 10.03
C8 NAG C . -28.65 8.55 10.57
N2 NAG C . -27.07 8.23 8.77
O3 NAG C . -28.11 5.57 9.15
O4 NAG C . -28.74 4.17 6.73
O5 NAG C . -29.21 7.69 5.81
O6 NAG C . -31.31 5.61 5.33
O7 NAG C . -26.35 9.16 10.68
C1 NAG C . -29.88 3.40 7.14
C2 NAG C . -29.87 2.08 6.38
C3 NAG C . -31.09 1.25 6.77
C4 NAG C . -31.17 1.08 8.28
C5 NAG C . -31.05 2.43 9.00
C6 NAG C . -30.91 2.29 10.51
C7 NAG C . -28.78 1.97 4.19
C8 NAG C . -28.91 2.26 2.71
N2 NAG C . -29.83 2.31 4.94
O3 NAG C . -31.02 -0.01 6.12
O4 NAG C . -32.40 0.47 8.64
O5 NAG C . -29.88 3.14 8.55
O6 NAG C . -31.91 1.41 11.04
O7 NAG C . -27.77 1.45 4.66
C1 FUC C . -32.44 6.25 4.68
C2 FUC C . -33.72 5.96 5.54
C3 FUC C . -33.78 6.84 6.81
C4 FUC C . -33.64 8.31 6.46
C5 FUC C . -32.32 8.52 5.69
C6 FUC C . -32.05 9.96 5.26
O2 FUC C . -33.79 4.58 5.91
O3 FUC C . -35.03 6.68 7.48
O4 FUC C . -34.75 8.74 5.68
O5 FUC C . -32.24 7.66 4.50
C1 NAG D . 29.53 3.27 -3.94
C2 NAG D . 29.59 3.20 -5.47
C3 NAG D . 29.13 1.83 -5.93
C4 NAG D . 30.01 0.75 -5.31
C5 NAG D . 30.00 0.88 -3.79
C6 NAG D . 31.00 -0.02 -3.09
C7 NAG D . 29.41 5.25 -6.77
C8 NAG D . 30.91 5.23 -6.84
N2 NAG D . 28.83 4.26 -6.10
O3 NAG D . 29.18 1.77 -7.36
O4 NAG D . 29.53 -0.53 -5.72
O5 NAG D . 30.33 2.22 -3.37
O6 NAG D . 32.21 -0.16 -3.82
O7 NAG D . 28.75 6.15 -7.30
C1 NAG D . 30.57 -1.34 -6.34
C2 NAG D . 30.09 -2.80 -6.35
C3 NAG D . 31.16 -3.70 -6.98
C4 NAG D . 31.59 -3.17 -8.35
C5 NAG D . 32.00 -1.71 -8.25
C6 NAG D . 32.36 -1.09 -9.58
C7 NAG D . 28.49 -3.33 -4.57
C8 NAG D . 28.33 -3.79 -3.16
N2 NAG D . 29.75 -3.25 -5.02
O3 NAG D . 30.66 -5.03 -7.09
O4 NAG D . 32.67 -3.93 -8.87
O5 NAG D . 30.93 -0.92 -7.70
O6 NAG D . 31.27 -0.36 -10.14
O7 NAG D . 27.54 -3.03 -5.28
C1 FUC D . 33.41 0.09 -3.05
C2 FUC D . 34.61 0.08 -4.07
C3 FUC D . 34.71 1.40 -4.88
C4 FUC D . 34.69 2.62 -3.95
C5 FUC D . 33.45 2.56 -3.05
C6 FUC D . 33.34 3.72 -2.05
O2 FUC D . 34.54 -1.04 -4.96
O3 FUC D . 35.92 1.45 -5.62
O4 FUC D . 35.89 2.64 -3.16
O5 FUC D . 33.36 1.31 -2.29
C1 DEP E . -19.72 3.59 -14.64
C2 DEP E . -18.60 4.51 -14.28
C3 DEP E . -22.99 5.95 -15.06
C4 DEP E . -23.52 4.54 -14.85
O1 DEP E . -20.21 3.86 -15.97
O2 DEP E . -21.60 5.80 -15.15
O3 DEP E . -21.81 5.09 -17.62
P DEP E . -20.90 5.26 -16.46
C1 EDO F . -10.14 5.87 6.19
O1 EDO F . -9.01 5.98 5.33
C2 EDO F . -9.70 6.29 7.59
O2 EDO F . -8.97 5.22 8.20
C1 EDO G . 1.58 5.94 -12.23
O1 EDO G . 2.62 5.39 -13.08
C2 EDO G . 1.18 4.95 -11.14
O2 EDO G . 0.78 3.66 -11.69
C1 NAG H . 22.89 -43.51 17.97
C2 NAG H . 21.62 -44.25 18.46
C3 NAG H . 21.90 -45.41 19.46
C4 NAG H . 23.26 -45.41 20.16
C5 NAG H . 24.24 -44.38 19.61
C6 NAG H . 25.70 -44.75 19.80
C7 NAG H . 19.31 -43.41 18.71
C8 NAG H . 18.42 -42.40 19.35
N2 NAG H . 20.62 -43.33 19.01
O3 NAG H . 21.67 -46.66 18.81
O4 NAG H . 23.11 -45.25 21.57
O5 NAG H . 24.01 -44.27 18.22
O6 NAG H . 25.90 -46.15 19.97
O7 NAG H . 18.87 -44.27 17.93
O1 PE8 I . 7.54 -33.31 22.84
C2 PE8 I . 6.61 -33.09 21.74
C3 PE8 I . 7.21 -33.59 20.42
O4 PE8 I . 7.87 -32.51 19.75
C5 PE8 I . 9.16 -32.88 19.27
C6 PE8 I . 10.09 -31.66 19.26
O7 PE8 I . 11.16 -31.86 20.24
C8 PE8 I . 11.62 -30.67 20.87
C9 PE8 I . 12.13 -30.97 22.32
O10 PE8 I . 11.06 -30.77 23.23
C11 PE8 I . 11.44 -30.80 24.62
C12 PE8 I . 10.22 -30.87 25.55
O13 PE8 I . 9.01 -30.60 24.83
C14 PE8 I . 8.05 -29.84 25.54
C15 PE8 I . 6.62 -30.24 25.10
O16 PE8 I . 6.40 -30.00 23.72
C17 PE8 I . 5.11 -29.42 23.42
C18 PE8 I . 5.09 -28.94 21.91
O19 PE8 I . 5.94 -29.81 21.12
C20 PE8 I . 6.22 -29.40 19.73
C21 PE8 I . 5.36 -28.18 19.29
O22 PE8 I . 6.17 -27.29 18.49
C23 PE8 I . 5.46 -26.55 17.50
C24 PE8 I . 4.85 -25.31 18.18
O25 PE8 I . 3.74 -24.85 17.44
C1 DEP J . 19.22 -7.56 13.54
C2 DEP J . 18.05 -6.60 13.79
C3 DEP J . 22.97 -6.36 14.96
C4 DEP J . 23.44 -7.63 14.26
O1 DEP J . 19.65 -8.04 14.82
O2 DEP J . 21.57 -6.39 14.88
O3 DEP J . 21.37 -8.11 16.78
P DEP J . 20.65 -7.21 15.84
C1 EDO K . 11.40 6.16 -4.94
O1 EDO K . 10.19 5.99 -5.72
C2 EDO K . 11.37 5.33 -3.65
O2 EDO K . 10.22 5.69 -2.86
C1 EDO L . -0.57 0.58 13.28
O1 EDO L . -1.80 0.34 13.97
C2 EDO L . -0.48 -0.26 12.00
O2 EDO L . -0.78 -1.65 12.25
N NO3 M . 13.27 -31.59 13.05
O1 NO3 M . 12.21 -31.47 13.73
O2 NO3 M . 13.23 -31.45 11.79
O3 NO3 M . 14.38 -31.89 13.60
#